data_2BKK
#
_entry.id   2BKK
#
_cell.length_a   59.670
_cell.length_b   98.082
_cell.length_c   81.300
_cell.angle_alpha   90.00
_cell.angle_beta   110.01
_cell.angle_gamma   90.00
#
_symmetry.space_group_name_H-M   'P 1 21 1'
#
loop_
_entity.id
_entity.type
_entity.pdbx_description
1 polymer "AMINOGLYCOSIDE 3'-PHOSPHOTRANSFERASE"
2 polymer 'DESIGNED ANKYRIN REPEAT INHIBITOR AR_3A'
3 non-polymer "ADENOSINE-5'-DIPHOSPHATE"
4 non-polymer 'MAGNESIUM ION'
5 water water
#
loop_
_entity_poly.entity_id
_entity_poly.type
_entity_poly.pdbx_seq_one_letter_code
_entity_poly.pdbx_strand_id
1 'polypeptide(L)'
;MAKMRISPELKKLIEKYRSVKDTEGMSPAKVYKLVGENENLYLKMTDSRYKGTTYDVEREKDMMLWLEGKLPVPKVLHFE
RHDGWSNLLMSEADGVLCSEEYEDEQSPEKIIELYAECIRLFHSIDISDCPYTNSLDSRLAELDYLLNNDLADVDSENWE
EDTPFKDPRELYDFLKTEKPEEELVFSHGDLGDSNIFVKDGKVSGFIDLGRSGRADKWYDIAFCVRSIREDIGEEQYVEL
FFDLLGIKPDWEKIKYYILLDELF
;
A,C
2 'polypeptide(L)'
;MRGSHHHHHHGSDLGKKLLEAARAGQDDEVRILMANGADVNANDWFGITPLHLVVNNGHLEIIEVLLKYAADVNASDKSG
WTPLHLAAYRGHLEIVEVLLKYGADVNAMDYQGYTPLHLAAEDGHLEIVEVLLKYGADVNAQDKFGKTAFDISIDNGNED
LAEILQKLN
;
B,D
#
loop_
_chem_comp.id
_chem_comp.type
_chem_comp.name
_chem_comp.formula
ADP non-polymer ADENOSINE-5'-DIPHOSPHATE 'C10 H15 N5 O10 P2'
MG non-polymer 'MAGNESIUM ION' 'Mg 2'
#
# COMPACT_ATOMS: atom_id res chain seq x y z
N ALA A 2 18.72 37.62 -3.12
CA ALA A 2 17.58 38.48 -3.57
C ALA A 2 16.31 38.10 -2.81
N LYS A 3 16.09 36.79 -2.71
CA LYS A 3 15.01 36.22 -1.90
C LYS A 3 15.52 36.06 -0.46
N MET A 4 14.72 36.56 0.50
CA MET A 4 15.03 36.49 1.93
C MET A 4 14.19 35.38 2.56
N ARG A 5 14.65 34.82 3.67
CA ARG A 5 13.84 33.82 4.37
C ARG A 5 12.89 34.43 5.40
N ILE A 6 12.93 35.77 5.47
CA ILE A 6 12.14 36.62 6.36
C ILE A 6 11.43 37.67 5.49
N SER A 7 10.20 38.03 5.86
CA SER A 7 9.44 38.98 5.05
C SER A 7 10.08 40.33 5.22
N PRO A 8 9.97 41.21 4.21
CA PRO A 8 10.56 42.56 4.35
C PRO A 8 9.96 43.30 5.54
N GLU A 9 8.72 42.95 5.85
CA GLU A 9 7.96 43.59 6.93
C GLU A 9 8.54 43.21 8.28
N LEU A 10 8.80 41.90 8.49
CA LEU A 10 9.47 41.48 9.72
C LEU A 10 10.90 42.00 9.82
N LYS A 11 11.64 42.04 8.72
CA LYS A 11 13.00 42.59 8.77
C LYS A 11 12.99 44.05 9.26
N LYS A 12 12.07 44.83 8.70
CA LYS A 12 11.84 46.21 9.16
C LYS A 12 11.68 46.23 10.67
N LEU A 13 10.77 45.41 11.17
CA LEU A 13 10.42 45.39 12.58
C LEU A 13 11.59 45.07 13.49
N ILE A 14 12.50 44.19 13.08
CA ILE A 14 13.66 43.85 13.96
C ILE A 14 14.95 44.58 13.64
N GLU A 15 14.89 45.52 12.70
CA GLU A 15 16.07 46.27 12.25
C GLU A 15 17.00 46.75 13.33
N LYS A 16 16.45 47.24 14.42
CA LYS A 16 17.27 47.86 15.45
C LYS A 16 17.76 46.90 16.54
N TYR A 17 17.66 45.60 16.28
CA TYR A 17 18.17 44.63 17.23
C TYR A 17 19.40 43.98 16.60
N ARG A 18 20.35 43.60 17.44
CA ARG A 18 21.52 42.89 16.97
C ARG A 18 21.30 41.37 16.99
N SER A 19 21.32 40.74 15.82
CA SER A 19 21.12 39.30 15.71
C SER A 19 22.32 38.49 16.17
N VAL A 20 22.07 37.48 16.99
CA VAL A 20 23.07 36.62 17.60
C VAL A 20 22.51 35.21 17.55
N LYS A 21 23.00 34.44 16.59
CA LYS A 21 22.52 33.09 16.39
C LYS A 21 22.88 32.22 17.56
N ASP A 22 21.93 31.38 17.92
CA ASP A 22 22.08 30.42 18.98
C ASP A 22 22.94 29.28 18.46
N THR A 23 24.09 29.12 19.12
CA THR A 23 25.08 28.12 18.72
C THR A 23 24.92 26.89 19.60
N GLU A 24 24.13 26.98 20.66
CA GLU A 24 23.91 25.83 21.52
C GLU A 24 22.92 24.91 20.80
N GLY A 25 21.63 25.19 20.93
CA GLY A 25 20.52 24.45 20.30
C GLY A 25 20.80 23.36 19.28
N MET A 26 19.92 22.36 19.26
CA MET A 26 20.19 21.12 18.54
C MET A 26 19.11 20.65 17.62
N SER A 27 18.04 21.42 17.45
CA SER A 27 16.93 20.94 16.64
C SER A 27 17.10 21.52 15.26
N PRO A 28 16.25 21.14 14.33
CA PRO A 28 16.25 21.72 12.99
C PRO A 28 15.89 23.20 12.91
N ALA A 29 15.61 23.85 14.03
CA ALA A 29 15.11 25.21 14.04
C ALA A 29 16.31 26.10 14.08
N LYS A 30 16.20 27.24 13.41
CA LYS A 30 17.22 28.30 13.55
C LYS A 30 16.73 29.30 14.62
N VAL A 31 17.54 29.63 15.60
CA VAL A 31 17.11 30.45 16.72
C VAL A 31 18.12 31.57 16.84
N TYR A 32 17.62 32.80 16.90
CA TYR A 32 18.42 34.02 17.04
C TYR A 32 17.96 34.79 18.23
N LYS A 33 18.89 35.20 19.08
CA LYS A 33 18.60 36.19 20.09
C LYS A 33 18.72 37.55 19.45
N LEU A 34 17.73 38.40 19.65
CA LEU A 34 17.73 39.74 19.07
C LEU A 34 17.99 40.69 20.19
N VAL A 35 19.20 41.20 20.25
CA VAL A 35 19.61 42.01 21.41
C VAL A 35 19.26 43.44 21.15
N GLY A 36 18.47 44.04 22.04
CA GLY A 36 18.02 45.40 21.86
C GLY A 36 18.59 46.30 22.92
N GLU A 37 18.21 47.58 22.87
CA GLU A 37 18.63 48.56 23.87
C GLU A 37 17.94 48.31 25.18
N ASN A 38 16.65 48.03 25.13
CA ASN A 38 15.87 47.89 26.36
C ASN A 38 15.41 46.50 26.67
N GLU A 39 15.45 45.63 25.66
CA GLU A 39 15.10 44.24 25.86
C GLU A 39 15.62 43.34 24.74
N ASN A 40 15.44 42.05 24.94
CA ASN A 40 15.80 41.04 23.99
C ASN A 40 14.58 40.24 23.59
N LEU A 41 14.51 39.92 22.31
CA LEU A 41 13.51 39.07 21.72
C LEU A 41 14.21 37.84 21.19
N TYR A 42 13.43 36.86 20.72
CA TYR A 42 13.96 35.64 20.15
C TYR A 42 13.17 35.34 18.93
N LEU A 43 13.86 34.90 17.89
CA LEU A 43 13.26 34.56 16.63
C LEU A 43 13.60 33.15 16.36
N LYS A 44 12.60 32.32 16.09
CA LYS A 44 12.80 30.92 15.87
C LYS A 44 12.14 30.58 14.57
N MET A 45 12.84 29.82 13.70
CA MET A 45 12.37 29.61 12.31
C MET A 45 12.58 28.20 11.91
N THR A 46 11.60 27.58 11.28
CA THR A 46 11.72 26.24 10.74
C THR A 46 11.37 26.21 9.25
N ASP A 47 12.08 25.37 8.46
CA ASP A 47 11.85 25.28 7.02
C ASP A 47 10.67 24.36 6.70
N SER A 48 10.24 24.40 5.44
CA SER A 48 8.96 23.83 4.96
C SER A 48 8.77 22.36 5.22
N ARG A 49 9.84 21.61 5.14
CA ARG A 49 9.69 20.18 5.26
C ARG A 49 9.20 19.80 6.67
N TYR A 50 9.34 20.72 7.62
CA TYR A 50 8.88 20.49 8.99
C TYR A 50 7.45 20.88 9.21
N LYS A 51 6.79 21.38 8.18
CA LYS A 51 5.41 21.79 8.29
C LYS A 51 4.64 20.59 8.79
N GLY A 52 3.63 20.83 9.63
CA GLY A 52 2.78 19.78 10.16
C GLY A 52 3.42 18.81 11.15
N THR A 53 4.64 19.08 11.60
CA THR A 53 5.29 18.21 12.59
C THR A 53 5.40 18.92 13.94
N THR A 54 5.91 18.20 14.93
CA THR A 54 6.16 18.73 16.26
C THR A 54 7.38 19.66 16.23
N TYR A 55 8.07 19.70 15.09
CA TYR A 55 9.18 20.65 14.83
C TYR A 55 8.77 21.95 14.08
N ASP A 56 7.52 22.06 13.64
CA ASP A 56 7.02 23.29 13.01
C ASP A 56 6.81 24.42 14.04
N VAL A 57 7.42 25.59 13.89
CA VAL A 57 7.29 26.63 14.93
C VAL A 57 5.87 27.16 15.01
N GLU A 58 5.05 26.93 13.99
CA GLU A 58 3.66 27.31 14.02
C GLU A 58 2.85 26.60 15.09
N ARG A 59 3.10 25.30 15.23
CA ARG A 59 2.56 24.49 16.34
C ARG A 59 3.01 25.06 17.68
N GLU A 60 4.30 25.34 17.75
CA GLU A 60 4.89 25.98 18.94
C GLU A 60 4.17 27.25 19.27
N LYS A 61 3.95 28.08 18.26
CA LYS A 61 3.25 29.31 18.38
C LYS A 61 1.82 29.08 18.88
N ASP A 62 1.11 28.13 18.29
CA ASP A 62 -0.25 27.83 18.74
C ASP A 62 -0.28 27.39 20.21
N MET A 63 0.70 26.61 20.61
CA MET A 63 0.74 26.04 21.95
C MET A 63 1.10 27.12 22.92
N MET A 64 1.99 28.03 22.52
CA MET A 64 2.34 29.14 23.37
C MET A 64 1.15 29.99 23.66
N LEU A 65 0.31 30.20 22.64
CA LEU A 65 -0.90 30.99 22.78
C LEU A 65 -1.96 30.27 23.66
N TRP A 66 -2.08 28.97 23.50
CA TRP A 66 -3.08 28.20 24.25
C TRP A 66 -2.68 28.12 25.71
N LEU A 67 -1.37 28.11 25.95
CA LEU A 67 -0.86 28.00 27.33
C LEU A 67 -0.86 29.28 28.12
N GLU A 68 -1.16 30.40 27.52
CA GLU A 68 -1.13 31.65 28.25
C GLU A 68 -2.19 31.62 29.33
N GLY A 69 -1.79 32.07 30.52
CA GLY A 69 -2.62 31.97 31.71
C GLY A 69 -2.52 30.60 32.36
N LYS A 70 -1.92 29.62 31.69
CA LYS A 70 -1.87 28.26 32.22
C LYS A 70 -0.47 27.87 32.67
N LEU A 71 0.53 28.23 31.89
CA LEU A 71 1.90 28.04 32.24
C LEU A 71 2.63 29.31 31.89
N PRO A 72 3.70 29.57 32.61
CA PRO A 72 4.54 30.72 32.28
C PRO A 72 5.30 30.38 30.97
N VAL A 73 5.05 31.11 29.90
CA VAL A 73 5.69 30.88 28.60
C VAL A 73 5.99 32.26 27.98
N PRO A 74 6.84 32.35 26.96
CA PRO A 74 7.06 33.63 26.28
C PRO A 74 5.80 34.11 25.55
N LYS A 75 5.70 35.41 25.34
CA LYS A 75 4.65 35.97 24.54
C LYS A 75 4.99 35.86 23.08
N VAL A 76 3.98 35.61 22.28
CA VAL A 76 4.05 35.59 20.87
C VAL A 76 3.92 37.03 20.42
N LEU A 77 4.94 37.53 19.68
CA LEU A 77 4.97 38.90 19.21
C LEU A 77 4.57 39.00 17.74
N HIS A 78 4.89 37.98 16.97
CA HIS A 78 4.62 37.96 15.54
C HIS A 78 4.97 36.57 15.03
N PHE A 79 4.14 36.06 14.15
CA PHE A 79 4.32 34.83 13.44
C PHE A 79 3.99 35.10 11.98
N GLU A 80 4.75 34.49 11.06
CA GLU A 80 4.46 34.50 9.62
C GLU A 80 4.92 33.18 8.99
N ARG A 81 4.40 32.93 7.81
CA ARG A 81 4.95 31.99 6.84
C ARG A 81 5.57 32.86 5.74
N HIS A 82 6.79 32.55 5.33
CA HIS A 82 7.44 33.21 4.21
C HIS A 82 8.19 32.19 3.40
N ASP A 83 7.74 31.89 2.19
CA ASP A 83 8.46 30.96 1.28
C ASP A 83 8.72 29.60 1.91
N GLY A 84 7.68 28.95 2.42
CA GLY A 84 7.86 27.66 3.06
C GLY A 84 8.38 27.70 4.50
N TRP A 85 8.99 28.80 4.92
CA TRP A 85 9.50 28.96 6.29
C TRP A 85 8.43 29.48 7.24
N SER A 86 8.48 28.98 8.47
CA SER A 86 7.67 29.51 9.56
C SER A 86 8.56 30.26 10.54
N ASN A 87 8.24 31.51 10.80
CA ASN A 87 8.99 32.38 11.65
C ASN A 87 8.14 32.82 12.86
N LEU A 88 8.67 32.68 14.07
CA LEU A 88 8.04 33.16 15.31
C LEU A 88 9.00 34.12 16.03
N LEU A 89 8.57 35.34 16.25
CA LEU A 89 9.21 36.28 17.09
C LEU A 89 8.47 36.23 18.46
N MET A 90 9.25 36.15 19.55
CA MET A 90 8.72 35.98 20.89
C MET A 90 9.54 36.78 21.90
N SER A 91 8.98 36.89 23.10
CA SER A 91 9.63 37.59 24.16
C SER A 91 10.66 36.66 24.82
N GLU A 92 11.58 37.26 25.55
CA GLU A 92 12.55 36.53 26.33
C GLU A 92 11.88 35.96 27.57
N ALA A 93 12.14 34.70 27.86
CA ALA A 93 11.64 34.08 29.08
C ALA A 93 12.22 34.76 30.34
N ASP A 94 11.35 34.95 31.33
CA ASP A 94 11.72 35.33 32.71
C ASP A 94 12.60 34.30 33.36
N GLY A 95 13.67 34.76 33.99
CA GLY A 95 14.49 33.89 34.82
C GLY A 95 15.76 33.45 34.15
N VAL A 96 16.29 32.32 34.62
CA VAL A 96 17.59 31.81 34.16
C VAL A 96 17.45 30.35 33.79
N LEU A 97 17.87 30.05 32.57
CA LEU A 97 17.79 28.69 32.12
C LEU A 97 18.47 27.77 33.11
N CYS A 98 17.68 26.87 33.70
CA CYS A 98 18.12 26.00 34.78
C CYS A 98 19.50 25.37 34.54
N SER A 99 19.66 24.74 33.39
CA SER A 99 20.84 23.95 33.07
C SER A 99 22.13 24.71 33.21
N GLU A 100 22.09 25.99 32.88
CA GLU A 100 23.27 26.83 33.03
C GLU A 100 23.52 27.03 34.52
N GLU A 101 22.66 27.83 35.14
CA GLU A 101 22.95 28.39 36.46
C GLU A 101 22.20 27.60 37.53
N TYR A 102 22.54 26.33 37.68
CA TYR A 102 21.90 25.49 38.70
C TYR A 102 22.40 24.04 38.68
N GLU A 103 22.45 23.44 37.50
CA GLU A 103 22.95 22.07 37.37
C GLU A 103 24.44 22.00 37.68
N ASP A 104 25.11 23.16 37.62
CA ASP A 104 26.52 23.27 37.99
C ASP A 104 26.69 23.81 39.41
N GLU A 105 25.60 24.34 39.99
CA GLU A 105 25.54 24.68 41.41
C GLU A 105 25.60 23.43 42.34
N GLN A 106 25.81 22.25 41.75
CA GLN A 106 25.99 20.96 42.47
C GLN A 106 25.03 20.76 43.64
N SER A 107 23.73 20.75 43.31
CA SER A 107 22.66 20.47 44.28
C SER A 107 21.59 19.61 43.58
N PRO A 108 21.80 18.29 43.48
CA PRO A 108 20.99 17.43 42.63
C PRO A 108 19.54 17.22 43.11
N GLU A 109 19.28 17.50 44.38
CA GLU A 109 17.94 17.44 44.93
C GLU A 109 17.03 18.54 44.37
N LYS A 110 17.59 19.70 44.08
CA LYS A 110 16.85 20.80 43.50
C LYS A 110 16.41 20.51 42.06
N ILE A 111 17.30 19.90 41.28
CA ILE A 111 16.93 19.48 39.93
C ILE A 111 15.73 18.58 39.96
N ILE A 112 15.80 17.49 40.76
CA ILE A 112 14.70 16.53 40.94
C ILE A 112 13.40 17.19 41.29
N GLU A 113 13.48 18.17 42.17
CA GLU A 113 12.30 18.87 42.68
C GLU A 113 11.75 19.80 41.63
N LEU A 114 12.63 20.48 40.90
CA LEU A 114 12.16 21.29 39.76
C LEU A 114 11.37 20.41 38.80
N TYR A 115 11.88 19.22 38.51
CA TYR A 115 11.17 18.30 37.60
C TYR A 115 9.84 17.85 38.18
N ALA A 116 9.83 17.53 39.47
CA ALA A 116 8.58 17.12 40.12
C ALA A 116 7.56 18.25 40.04
N GLU A 117 8.03 19.47 40.26
CA GLU A 117 7.22 20.67 40.21
C GLU A 117 6.66 20.86 38.79
N CYS A 118 7.47 20.58 37.77
CA CYS A 118 6.98 20.60 36.36
C CYS A 118 5.84 19.61 36.18
N ILE A 119 6.06 18.37 36.57
CA ILE A 119 5.05 17.35 36.35
C ILE A 119 3.74 17.80 37.05
N ARG A 120 3.87 18.33 38.26
CA ARG A 120 2.70 18.78 39.03
C ARG A 120 1.93 19.84 38.31
N LEU A 121 2.65 20.86 37.83
CA LEU A 121 2.06 21.91 37.00
C LEU A 121 1.30 21.36 35.78
N PHE A 122 1.91 20.41 35.10
CA PHE A 122 1.30 19.84 33.90
C PHE A 122 0.01 19.11 34.25
N HIS A 123 0.01 18.42 35.40
CA HIS A 123 -1.15 17.61 35.79
C HIS A 123 -2.36 18.48 36.13
N SER A 124 -2.14 19.75 36.44
CA SER A 124 -3.20 20.68 36.82
C SER A 124 -3.85 21.42 35.66
N ILE A 125 -3.32 21.21 34.45
CA ILE A 125 -3.83 21.88 33.25
C ILE A 125 -4.94 21.08 32.62
N ASP A 126 -6.04 21.76 32.34
CA ASP A 126 -7.20 21.16 31.71
C ASP A 126 -6.91 21.14 30.21
N ILE A 127 -6.82 19.92 29.69
CA ILE A 127 -6.56 19.65 28.30
C ILE A 127 -7.78 19.29 27.46
N SER A 128 -8.98 19.58 27.97
CA SER A 128 -10.23 19.29 27.27
C SER A 128 -10.29 19.88 25.83
N ASP A 129 -9.71 21.05 25.65
CA ASP A 129 -9.70 21.70 24.34
C ASP A 129 -8.27 21.93 23.82
N CYS A 130 -7.36 21.04 24.20
CA CYS A 130 -5.95 21.22 23.84
C CYS A 130 -5.83 20.94 22.36
N PRO A 131 -5.18 21.81 21.61
CA PRO A 131 -5.21 21.72 20.14
C PRO A 131 -4.41 20.58 19.52
N TYR A 132 -3.51 19.95 20.28
CA TYR A 132 -2.70 18.86 19.73
C TYR A 132 -2.66 17.66 20.69
N THR A 133 -2.46 16.48 20.13
CA THR A 133 -2.41 15.21 20.87
C THR A 133 -1.31 14.37 20.31
N ASN A 134 -0.54 13.74 21.17
CA ASN A 134 0.58 12.93 20.75
C ASN A 134 0.33 11.46 21.08
N SER A 135 0.51 10.60 20.08
CA SER A 135 0.25 9.16 20.13
C SER A 135 1.46 8.43 19.58
N LEU A 136 1.52 7.12 19.75
CA LEU A 136 2.57 6.29 19.16
C LEU A 136 2.55 6.44 17.64
N ASP A 137 1.37 6.63 17.10
CA ASP A 137 1.23 6.64 15.67
C ASP A 137 1.78 7.94 15.09
N SER A 138 1.25 9.07 15.57
CA SER A 138 1.77 10.40 15.25
C SER A 138 3.28 10.46 15.44
N ARG A 139 3.79 9.86 16.51
CA ARG A 139 5.25 9.83 16.70
C ARG A 139 6.01 9.07 15.60
N LEU A 140 5.43 7.96 15.15
CA LEU A 140 6.06 7.10 14.15
C LEU A 140 5.97 7.75 12.77
N ALA A 141 4.76 8.18 12.43
CA ALA A 141 4.57 8.83 11.14
C ALA A 141 5.62 9.91 10.97
N GLU A 142 5.62 10.85 11.90
CA GLU A 142 6.59 11.94 11.88
C GLU A 142 8.01 11.50 11.70
N LEU A 143 8.40 10.40 12.35
CA LEU A 143 9.75 9.86 12.19
C LEU A 143 9.99 9.35 10.77
N ASP A 144 8.95 8.74 10.20
CA ASP A 144 8.91 8.39 8.80
C ASP A 144 9.25 9.61 7.95
N TYR A 145 8.51 10.70 8.15
CA TYR A 145 8.67 11.88 7.29
C TYR A 145 10.04 12.54 7.44
N LEU A 146 10.45 12.86 8.66
CA LEU A 146 11.80 13.37 8.94
C LEU A 146 12.89 12.58 8.23
N LEU A 147 12.57 11.33 7.90
CA LEU A 147 13.47 10.49 7.14
C LEU A 147 12.83 10.14 5.79
N ASN A 148 12.59 11.19 5.00
CA ASN A 148 12.04 11.06 3.63
C ASN A 148 13.15 11.02 2.57
N ASN A 149 14.35 11.47 2.93
CA ASN A 149 15.52 11.44 2.04
C ASN A 149 16.81 11.60 2.83
N LYS A 166 17.92 1.73 6.63
CA LYS A 166 18.86 1.33 7.68
C LYS A 166 18.35 0.19 8.55
N ASP A 167 19.25 -0.39 9.35
CA ASP A 167 18.95 -1.56 10.20
C ASP A 167 17.58 -1.48 10.90
N PRO A 168 16.65 -2.40 10.56
CA PRO A 168 15.31 -2.39 11.14
C PRO A 168 15.10 -3.24 12.37
N ARG A 169 16.08 -4.00 12.82
CA ARG A 169 15.81 -4.99 13.86
C ARG A 169 15.21 -4.36 15.10
N GLU A 170 15.75 -3.22 15.51
CA GLU A 170 15.35 -2.63 16.80
C GLU A 170 13.96 -1.96 16.72
N LEU A 171 13.62 -1.43 15.55
CA LEU A 171 12.28 -0.94 15.30
C LEU A 171 11.27 -2.07 15.54
N TYR A 172 11.47 -3.20 14.87
CA TYR A 172 10.54 -4.33 14.98
C TYR A 172 10.53 -4.93 16.39
N ASP A 173 11.68 -4.92 17.07
CA ASP A 173 11.72 -5.34 18.48
C ASP A 173 10.83 -4.45 19.34
N PHE A 174 10.86 -3.14 19.06
CA PHE A 174 10.08 -2.15 19.79
C PHE A 174 8.61 -2.31 19.50
N LEU A 175 8.29 -2.53 18.23
CA LEU A 175 6.90 -2.60 17.83
C LEU A 175 6.23 -3.85 18.38
N LYS A 176 7.00 -4.90 18.62
CA LYS A 176 6.49 -6.12 19.21
C LYS A 176 6.12 -5.93 20.72
N THR A 177 6.69 -4.90 21.34
CA THR A 177 6.52 -4.65 22.75
C THR A 177 5.12 -4.13 22.98
N GLU A 178 4.54 -4.54 24.08
CA GLU A 178 3.18 -4.13 24.46
C GLU A 178 3.21 -2.69 24.90
N LYS A 179 2.23 -1.91 24.43
CA LYS A 179 2.09 -0.51 24.73
C LYS A 179 1.16 -0.39 25.91
N PRO A 180 1.56 0.36 26.92
CA PRO A 180 0.71 0.57 28.09
C PRO A 180 -0.49 1.41 27.71
N GLU A 181 -1.61 1.15 28.37
CA GLU A 181 -2.79 1.96 28.17
C GLU A 181 -2.42 3.35 28.60
N GLU A 182 -2.96 4.35 27.91
CA GLU A 182 -2.61 5.74 28.15
C GLU A 182 -3.60 6.44 29.06
N GLU A 183 -3.03 7.34 29.86
CA GLU A 183 -3.77 8.25 30.68
C GLU A 183 -3.30 9.64 30.29
N LEU A 184 -4.13 10.35 29.54
CA LEU A 184 -3.74 11.63 28.96
C LEU A 184 -3.71 12.84 29.92
N VAL A 185 -2.58 13.50 29.95
CA VAL A 185 -2.39 14.78 30.61
C VAL A 185 -1.68 15.78 29.67
N PHE A 186 -1.46 17.01 30.13
CA PHE A 186 -0.65 17.95 29.40
C PHE A 186 0.77 17.44 29.48
N SER A 187 1.44 17.45 28.34
CA SER A 187 2.79 16.93 28.20
C SER A 187 3.67 18.00 27.57
N HIS A 188 4.79 18.31 28.20
CA HIS A 188 5.79 19.17 27.57
C HIS A 188 6.39 18.50 26.33
N GLY A 189 6.97 17.31 26.49
CA GLY A 189 7.47 16.54 25.36
C GLY A 189 8.97 16.62 25.18
N ASP A 190 9.62 17.54 25.85
CA ASP A 190 11.07 17.66 25.83
C ASP A 190 11.51 18.32 27.11
N LEU A 191 11.04 17.74 28.21
CA LEU A 191 11.22 18.33 29.53
C LEU A 191 12.64 18.18 29.89
N GLY A 192 13.34 19.29 30.02
CA GLY A 192 14.74 19.24 30.32
C GLY A 192 15.22 20.65 30.56
N ASP A 193 16.24 20.75 31.41
CA ASP A 193 16.64 22.03 31.98
C ASP A 193 17.03 23.09 30.95
N SER A 194 17.29 22.68 29.69
CA SER A 194 17.54 23.56 28.54
C SER A 194 16.31 24.34 28.05
N ASN A 195 15.15 23.81 28.43
CA ASN A 195 13.86 24.40 28.12
C ASN A 195 13.12 24.90 29.38
N ILE A 196 13.70 24.71 30.57
CA ILE A 196 13.08 25.21 31.82
C ILE A 196 13.85 26.37 32.42
N PHE A 197 13.11 27.39 32.80
CA PHE A 197 13.67 28.59 33.38
C PHE A 197 13.18 28.70 34.82
N VAL A 198 14.08 29.12 35.73
CA VAL A 198 13.72 29.33 37.15
C VAL A 198 14.05 30.74 37.64
N LYS A 199 13.36 31.17 38.69
CA LYS A 199 13.56 32.53 39.21
C LYS A 199 13.07 32.64 40.65
N ASP A 200 13.98 32.95 41.57
CA ASP A 200 13.66 33.04 43.01
C ASP A 200 12.86 31.81 43.48
N GLY A 201 13.41 30.64 43.20
CA GLY A 201 12.82 29.37 43.63
C GLY A 201 11.88 28.69 42.64
N LYS A 202 10.94 29.44 42.07
CA LYS A 202 9.84 28.85 41.28
C LYS A 202 10.21 28.63 39.80
N VAL A 203 9.43 27.81 39.13
CA VAL A 203 9.50 27.71 37.68
C VAL A 203 8.99 29.02 37.13
N SER A 204 9.74 29.63 36.23
CA SER A 204 9.37 30.94 35.68
C SER A 204 9.09 30.92 34.16
N GLY A 205 9.43 29.82 33.48
CA GLY A 205 9.30 29.79 32.02
C GLY A 205 9.52 28.44 31.37
N PHE A 206 8.75 28.19 30.32
CA PHE A 206 8.94 26.99 29.52
C PHE A 206 9.08 27.40 28.05
N ILE A 207 10.11 26.90 27.40
CA ILE A 207 10.25 27.08 25.95
C ILE A 207 10.30 25.72 25.31
N ASP A 208 10.41 25.75 23.99
CA ASP A 208 10.52 24.57 23.17
C ASP A 208 9.33 23.64 23.28
N LEU A 209 8.23 24.15 22.77
CA LEU A 209 6.90 23.64 23.03
C LEU A 209 6.24 22.93 21.89
N GLY A 210 6.97 22.72 20.81
CA GLY A 210 6.42 22.13 19.59
C GLY A 210 5.89 20.72 19.77
N ARG A 211 6.56 19.93 20.58
CA ARG A 211 6.13 18.59 20.92
C ARG A 211 5.09 18.54 22.04
N SER A 212 4.62 19.69 22.48
CA SER A 212 3.69 19.71 23.60
C SER A 212 2.24 19.43 23.21
N GLY A 213 1.46 18.99 24.21
CA GLY A 213 0.06 18.71 24.04
C GLY A 213 -0.44 17.61 24.96
N ARG A 214 -1.50 16.94 24.54
CA ARG A 214 -2.04 15.80 25.25
C ARG A 214 -1.15 14.64 24.99
N ALA A 215 -0.76 13.95 26.04
CA ALA A 215 -0.04 12.73 25.88
C ALA A 215 -0.09 11.96 27.17
N ASP A 216 0.37 10.72 27.12
CA ASP A 216 0.43 9.87 28.30
C ASP A 216 1.37 10.48 29.29
N LYS A 217 0.92 10.52 30.53
CA LYS A 217 1.65 11.09 31.64
C LYS A 217 3.02 10.50 31.87
N TRP A 218 3.18 9.22 31.55
CA TRP A 218 4.47 8.57 31.73
C TRP A 218 5.54 9.02 30.71
N TYR A 219 5.16 9.80 29.72
CA TYR A 219 6.12 10.29 28.75
C TYR A 219 7.10 11.24 29.40
N ASP A 220 6.61 12.35 30.00
CA ASP A 220 7.48 13.33 30.64
C ASP A 220 8.20 12.71 31.85
N ILE A 221 7.51 11.87 32.58
CA ILE A 221 8.08 11.26 33.78
C ILE A 221 9.23 10.36 33.39
N ALA A 222 9.03 9.55 32.36
CA ALA A 222 10.15 8.74 31.82
C ALA A 222 11.37 9.57 31.38
N PHE A 223 11.15 10.74 30.81
CA PHE A 223 12.24 11.61 30.37
C PHE A 223 12.98 12.02 31.62
N CYS A 224 12.23 12.32 32.66
CA CYS A 224 12.83 12.77 33.90
C CYS A 224 13.61 11.66 34.51
N VAL A 225 13.11 10.44 34.45
CA VAL A 225 13.87 9.34 35.06
C VAL A 225 15.20 9.13 34.31
N ARG A 226 15.14 9.21 32.99
CA ARG A 226 16.30 8.98 32.12
C ARG A 226 17.35 10.00 32.42
N SER A 227 16.93 11.26 32.48
CA SER A 227 17.82 12.37 32.70
C SER A 227 18.45 12.35 34.10
N ILE A 228 17.66 12.03 35.11
CA ILE A 228 18.20 11.79 36.45
C ILE A 228 19.25 10.66 36.38
N ARG A 229 19.00 9.65 35.56
CA ARG A 229 19.84 8.47 35.51
C ARG A 229 21.18 8.72 34.80
N GLU A 230 21.18 9.43 33.68
CA GLU A 230 22.44 9.68 32.99
C GLU A 230 23.14 10.97 33.36
N ASP A 231 22.49 11.84 34.12
CA ASP A 231 23.15 13.08 34.49
C ASP A 231 23.31 13.24 35.99
N ILE A 232 22.80 12.30 36.78
CA ILE A 232 22.99 12.30 38.24
C ILE A 232 23.42 10.92 38.75
N GLY A 233 22.80 9.86 38.22
CA GLY A 233 23.35 8.52 38.25
C GLY A 233 23.27 7.76 39.56
N GLU A 234 22.07 7.73 40.16
CA GLU A 234 21.87 7.06 41.45
C GLU A 234 20.40 6.75 41.69
N GLU A 235 20.06 5.50 41.95
CA GLU A 235 18.67 5.09 42.05
C GLU A 235 17.85 5.78 43.14
N GLN A 236 18.49 6.23 44.22
CA GLN A 236 17.76 6.85 45.33
C GLN A 236 17.25 8.24 44.97
N TYR A 237 17.90 8.85 43.98
CA TYR A 237 17.43 10.11 43.40
C TYR A 237 16.17 9.89 42.61
N VAL A 238 16.09 8.78 41.91
CA VAL A 238 14.91 8.44 41.15
C VAL A 238 13.80 8.14 42.15
N GLU A 239 14.16 7.48 43.24
CA GLU A 239 13.19 7.10 44.24
C GLU A 239 12.69 8.34 44.98
N LEU A 240 13.57 9.33 45.18
CA LEU A 240 13.15 10.63 45.67
C LEU A 240 12.18 11.35 44.73
N PHE A 241 12.50 11.31 43.43
CA PHE A 241 11.64 11.91 42.40
C PHE A 241 10.18 11.45 42.57
N PHE A 242 9.96 10.16 42.71
CA PHE A 242 8.60 9.61 42.87
C PHE A 242 8.01 9.88 44.25
N ASP A 243 8.83 9.98 45.28
CA ASP A 243 8.34 10.47 46.59
C ASP A 243 7.79 11.88 46.50
N LEU A 244 8.52 12.73 45.78
CA LEU A 244 8.07 14.10 45.46
C LEU A 244 6.78 14.12 44.67
N LEU A 245 6.66 13.25 43.71
CA LEU A 245 5.43 13.18 42.91
C LEU A 245 4.24 12.58 43.69
N GLY A 246 4.49 11.81 44.74
CA GLY A 246 3.42 11.11 45.43
C GLY A 246 2.82 9.98 44.63
N ILE A 247 3.57 9.42 43.68
CA ILE A 247 3.11 8.19 43.02
C ILE A 247 4.18 7.10 42.99
N LYS A 248 3.75 5.87 42.74
CA LYS A 248 4.67 4.74 42.65
C LYS A 248 5.14 4.65 41.21
N PRO A 249 6.39 4.27 40.97
CA PRO A 249 6.83 4.05 39.59
C PRO A 249 6.18 2.84 38.93
N ASP A 250 5.90 3.00 37.64
CA ASP A 250 5.54 1.91 36.76
C ASP A 250 6.71 1.74 35.78
N TRP A 251 7.60 0.80 36.05
CA TRP A 251 8.89 0.72 35.32
C TRP A 251 8.70 0.24 33.89
N GLU A 252 7.58 -0.41 33.67
CA GLU A 252 7.19 -0.94 32.38
C GLU A 252 6.86 0.23 31.46
N LYS A 253 6.07 1.15 31.98
CA LYS A 253 5.67 2.37 31.26
C LYS A 253 6.87 3.29 30.98
N ILE A 254 7.68 3.48 31.99
CA ILE A 254 8.89 4.27 31.88
C ILE A 254 9.87 3.66 30.83
N LYS A 255 10.12 2.35 30.96
CA LYS A 255 10.93 1.63 29.97
C LYS A 255 10.35 1.80 28.57
N TYR A 256 9.04 1.65 28.41
CA TYR A 256 8.42 1.77 27.10
C TYR A 256 8.73 3.08 26.42
N TYR A 257 8.62 4.20 27.13
CA TYR A 257 8.74 5.48 26.45
C TYR A 257 10.16 5.88 26.19
N ILE A 258 11.08 5.34 26.98
CA ILE A 258 12.50 5.52 26.71
C ILE A 258 12.86 4.82 25.41
N LEU A 259 12.57 3.53 25.33
CA LEU A 259 12.74 2.75 24.10
C LEU A 259 12.24 3.51 22.90
N LEU A 260 11.00 3.98 22.99
CA LEU A 260 10.39 4.75 21.94
C LEU A 260 11.28 5.89 21.48
N ASP A 261 11.76 6.66 22.46
CA ASP A 261 12.51 7.87 22.17
C ASP A 261 13.95 7.52 21.72
N GLU A 262 14.40 6.31 22.06
CA GLU A 262 15.70 5.79 21.67
C GLU A 262 15.76 5.16 20.24
N LEU A 263 14.73 5.33 19.42
CA LEU A 263 14.76 4.79 18.06
C LEU A 263 15.39 5.79 17.10
N PHE A 264 16.69 5.64 16.87
CA PHE A 264 17.42 6.64 16.09
C PHE A 264 17.80 6.15 14.70
N SER B 12 -8.35 9.66 13.78
CA SER B 12 -8.19 8.21 14.10
C SER B 12 -8.97 7.39 13.08
N ASP B 13 -8.34 7.15 11.93
CA ASP B 13 -9.02 6.40 10.87
C ASP B 13 -8.79 4.90 10.99
N LEU B 14 -9.49 4.15 10.13
CA LEU B 14 -9.39 2.69 10.03
C LEU B 14 -7.96 2.17 9.77
N GLY B 15 -7.18 2.87 8.94
CA GLY B 15 -5.82 2.46 8.65
C GLY B 15 -4.95 2.42 9.88
N LYS B 16 -4.95 3.54 10.59
CA LYS B 16 -4.21 3.71 11.81
C LYS B 16 -4.66 2.70 12.86
N LYS B 17 -5.97 2.50 13.01
CA LYS B 17 -6.49 1.52 13.95
C LYS B 17 -6.06 0.10 13.55
N LEU B 18 -6.01 -0.19 12.25
CA LEU B 18 -5.60 -1.53 11.80
C LEU B 18 -4.12 -1.81 12.04
N LEU B 19 -3.31 -0.80 11.82
CA LEU B 19 -1.90 -0.90 12.10
C LEU B 19 -1.69 -1.13 13.58
N GLU B 20 -2.50 -0.49 14.40
CA GLU B 20 -2.25 -0.59 15.82
C GLU B 20 -2.71 -1.96 16.32
N ALA B 21 -3.85 -2.43 15.83
CA ALA B 21 -4.34 -3.75 16.23
C ALA B 21 -3.39 -4.86 15.77
N ALA B 22 -2.88 -4.74 14.55
CA ALA B 22 -1.84 -5.68 14.05
C ALA B 22 -0.59 -5.62 14.89
N ARG B 23 -0.12 -4.39 15.13
CA ARG B 23 1.05 -4.19 15.97
C ARG B 23 0.83 -4.79 17.37
N ALA B 24 -0.33 -4.52 17.96
CA ALA B 24 -0.61 -4.98 19.32
C ALA B 24 -0.95 -6.47 19.42
N GLY B 25 -1.06 -7.16 18.28
CA GLY B 25 -1.43 -8.58 18.27
C GLY B 25 -2.87 -8.87 18.63
N GLN B 26 -3.79 -7.96 18.32
CA GLN B 26 -5.18 -8.17 18.69
C GLN B 26 -5.91 -8.69 17.47
N ASP B 27 -5.93 -10.00 17.34
CA ASP B 27 -6.44 -10.67 16.14
C ASP B 27 -7.89 -10.36 15.85
N ASP B 28 -8.69 -10.39 16.92
CA ASP B 28 -10.11 -10.06 16.81
C ASP B 28 -10.35 -8.65 16.23
N GLU B 29 -9.62 -7.67 16.74
CA GLU B 29 -9.76 -6.30 16.29
C GLU B 29 -9.25 -6.19 14.85
N VAL B 30 -8.23 -6.96 14.47
CA VAL B 30 -7.80 -6.98 13.08
C VAL B 30 -8.95 -7.45 12.21
N ARG B 31 -9.57 -8.56 12.58
CA ARG B 31 -10.71 -9.07 11.81
C ARG B 31 -11.90 -8.08 11.71
N ILE B 32 -12.24 -7.43 12.82
CA ILE B 32 -13.36 -6.47 12.82
C ILE B 32 -13.06 -5.30 11.85
N LEU B 33 -11.83 -4.79 11.93
CA LEU B 33 -11.44 -3.63 11.14
C LEU B 33 -11.44 -3.95 9.64
N MET B 34 -10.91 -5.13 9.31
CA MET B 34 -10.93 -5.62 7.92
C MET B 34 -12.36 -5.76 7.42
N ALA B 35 -13.26 -6.28 8.26
CA ALA B 35 -14.67 -6.42 7.85
C ALA B 35 -15.33 -5.08 7.63
N ASN B 36 -14.86 -4.04 8.33
CA ASN B 36 -15.43 -2.70 8.20
C ASN B 36 -14.75 -1.83 7.14
N GLY B 37 -13.82 -2.41 6.38
CA GLY B 37 -13.28 -1.76 5.20
C GLY B 37 -11.86 -1.29 5.26
N ALA B 38 -11.13 -1.62 6.33
CA ALA B 38 -9.77 -1.09 6.53
C ALA B 38 -8.85 -1.55 5.38
N ASP B 39 -7.93 -0.68 4.97
CA ASP B 39 -6.99 -0.92 3.86
C ASP B 39 -5.97 -1.99 4.25
N VAL B 40 -5.99 -3.14 3.58
CA VAL B 40 -5.08 -4.25 3.95
C VAL B 40 -3.59 -3.92 3.72
N ASN B 41 -3.30 -2.95 2.86
CA ASN B 41 -1.92 -2.51 2.66
C ASN B 41 -1.60 -1.15 3.25
N ALA B 42 -2.41 -0.73 4.24
CA ALA B 42 -2.17 0.50 4.98
C ALA B 42 -0.72 0.50 5.44
N ASN B 43 -0.07 1.65 5.31
CA ASN B 43 1.23 1.83 5.86
C ASN B 43 1.40 3.32 6.06
N ASP B 44 1.42 3.64 7.34
CA ASP B 44 1.94 4.88 7.84
C ASP B 44 3.27 4.39 8.41
N TRP B 45 4.29 5.23 8.38
CA TRP B 45 5.58 4.87 8.96
C TRP B 45 6.25 3.62 8.37
N PHE B 46 7.30 3.91 7.60
CA PHE B 46 8.39 3.01 7.25
C PHE B 46 8.09 1.90 6.22
N GLY B 47 6.97 2.03 5.51
CA GLY B 47 6.51 0.99 4.62
C GLY B 47 5.99 -0.25 5.31
N ILE B 48 5.69 -0.15 6.60
CA ILE B 48 5.31 -1.33 7.38
C ILE B 48 3.82 -1.56 7.19
N THR B 49 3.45 -2.73 6.68
CA THR B 49 2.04 -3.07 6.44
C THR B 49 1.55 -3.91 7.62
N PRO B 50 0.24 -4.14 7.72
CA PRO B 50 -0.29 -5.10 8.70
C PRO B 50 0.32 -6.48 8.61
N LEU B 51 0.60 -6.96 7.41
CA LEU B 51 1.24 -8.27 7.30
C LEU B 51 2.65 -8.26 7.93
N HIS B 52 3.44 -7.19 7.75
CA HIS B 52 4.75 -7.19 8.41
C HIS B 52 4.56 -7.34 9.93
N LEU B 53 3.57 -6.62 10.46
CA LEU B 53 3.36 -6.50 11.90
C LEU B 53 2.88 -7.78 12.60
N VAL B 54 1.97 -8.43 11.93
CA VAL B 54 1.45 -9.73 12.34
C VAL B 54 2.55 -10.82 12.22
N VAL B 55 3.37 -10.76 11.18
CA VAL B 55 4.57 -11.61 11.12
C VAL B 55 5.55 -11.32 12.26
N ASN B 56 5.77 -10.04 12.52
CA ASN B 56 6.61 -9.60 13.63
C ASN B 56 6.25 -10.26 14.94
N ASN B 57 4.96 -10.51 15.13
CA ASN B 57 4.42 -10.99 16.39
C ASN B 57 4.32 -12.49 16.46
N GLY B 58 4.45 -13.14 15.33
CA GLY B 58 4.37 -14.59 15.24
C GLY B 58 2.93 -15.11 15.15
N HIS B 59 1.99 -14.26 14.72
CA HIS B 59 0.56 -14.57 14.78
C HIS B 59 0.09 -15.28 13.50
N LEU B 60 0.23 -16.60 13.49
CA LEU B 60 0.07 -17.43 12.28
C LEU B 60 -1.31 -17.35 11.65
N GLU B 61 -2.34 -17.54 12.46
CA GLU B 61 -3.70 -17.59 11.94
C GLU B 61 -4.10 -16.30 11.21
N ILE B 62 -3.84 -15.17 11.83
CA ILE B 62 -4.23 -13.88 11.27
C ILE B 62 -3.49 -13.56 9.96
N ILE B 63 -2.30 -14.10 9.77
CA ILE B 63 -1.58 -13.95 8.51
C ILE B 63 -2.40 -14.40 7.31
N GLU B 64 -3.09 -15.54 7.47
CA GLU B 64 -3.90 -16.08 6.36
C GLU B 64 -5.19 -15.28 6.15
N VAL B 65 -5.80 -14.75 7.21
CA VAL B 65 -6.88 -13.81 7.02
C VAL B 65 -6.44 -12.61 6.19
N LEU B 66 -5.22 -12.08 6.43
CA LEU B 66 -4.78 -10.87 5.69
C LEU B 66 -4.45 -11.20 4.23
N LEU B 67 -3.77 -12.32 3.98
CA LEU B 67 -3.62 -12.78 2.58
C LEU B 67 -4.99 -12.97 1.89
N LYS B 68 -5.96 -13.51 2.61
CA LYS B 68 -7.33 -13.66 2.11
C LYS B 68 -7.94 -12.32 1.73
N TYR B 69 -7.62 -11.28 2.49
CA TYR B 69 -8.04 -9.94 2.14
C TYR B 69 -7.16 -9.26 1.10
N ALA B 70 -6.33 -10.05 0.43
CA ALA B 70 -5.45 -9.62 -0.65
C ALA B 70 -4.20 -8.87 -0.21
N ALA B 71 -3.66 -9.20 0.97
CA ALA B 71 -2.47 -8.55 1.48
C ALA B 71 -1.33 -8.97 0.56
N ASP B 72 -0.45 -8.03 0.24
CA ASP B 72 0.73 -8.31 -0.58
C ASP B 72 1.84 -8.94 0.25
N VAL B 73 2.09 -10.22 0.01
CA VAL B 73 3.11 -11.02 0.73
C VAL B 73 4.54 -10.57 0.44
N ASN B 74 4.73 -9.82 -0.63
CA ASN B 74 6.06 -9.32 -0.95
C ASN B 74 6.26 -7.84 -0.70
N ALA B 75 5.31 -7.19 -0.01
CA ALA B 75 5.43 -5.76 0.34
C ALA B 75 6.77 -5.56 1.03
N SER B 76 7.54 -4.59 0.56
CA SER B 76 8.85 -4.30 1.13
C SER B 76 8.72 -3.01 1.88
N ASP B 77 9.31 -2.96 3.07
CA ASP B 77 9.21 -1.78 3.90
C ASP B 77 10.34 -0.85 3.46
N LYS B 78 10.63 0.18 4.25
CA LYS B 78 11.58 1.19 3.83
C LYS B 78 13.02 0.79 4.11
N SER B 79 13.25 -0.39 4.70
CA SER B 79 14.57 -1.04 4.74
C SER B 79 14.73 -2.19 3.75
N GLY B 80 13.77 -2.35 2.86
CA GLY B 80 13.73 -3.50 1.98
C GLY B 80 13.30 -4.84 2.60
N TRP B 81 12.94 -4.84 3.88
CA TRP B 81 12.51 -6.06 4.56
C TRP B 81 11.09 -6.41 4.17
N THR B 82 10.93 -7.61 3.58
CA THR B 82 9.64 -8.19 3.22
C THR B 82 9.18 -8.97 4.44
N PRO B 83 7.91 -9.40 4.48
CA PRO B 83 7.46 -10.23 5.58
C PRO B 83 8.36 -11.45 5.70
N LEU B 84 8.84 -12.00 4.59
CA LEU B 84 9.70 -13.19 4.65
C LEU B 84 11.01 -12.90 5.34
N HIS B 85 11.59 -11.71 5.11
CA HIS B 85 12.81 -11.32 5.84
C HIS B 85 12.50 -11.37 7.30
N LEU B 86 11.37 -10.77 7.68
CA LEU B 86 10.96 -10.68 9.09
C LEU B 86 10.72 -12.04 9.72
N ALA B 87 10.14 -12.95 8.96
CA ALA B 87 9.82 -14.28 9.51
C ALA B 87 11.09 -15.04 9.78
N ALA B 88 12.07 -14.88 8.90
CA ALA B 88 13.39 -15.44 9.08
C ALA B 88 14.12 -14.85 10.32
N TYR B 89 14.03 -13.54 10.49
CA TYR B 89 14.62 -12.88 11.66
C TYR B 89 14.00 -13.44 12.95
N ARG B 90 12.68 -13.54 12.98
CA ARG B 90 11.99 -14.05 14.16
C ARG B 90 12.17 -15.56 14.36
N GLY B 91 12.50 -16.29 13.29
CA GLY B 91 12.72 -17.72 13.39
C GLY B 91 11.48 -18.50 13.78
N HIS B 92 10.35 -18.20 13.14
CA HIS B 92 9.14 -19.01 13.30
C HIS B 92 8.94 -19.79 11.99
N LEU B 93 9.27 -21.08 12.08
CA LEU B 93 9.21 -22.01 10.95
C LEU B 93 7.81 -22.02 10.33
N GLU B 94 6.80 -22.16 11.19
CA GLU B 94 5.41 -22.17 10.76
C GLU B 94 5.09 -20.98 9.85
N ILE B 95 5.60 -19.80 10.22
CA ILE B 95 5.30 -18.57 9.48
C ILE B 95 6.05 -18.48 8.14
N VAL B 96 7.34 -18.83 8.11
CA VAL B 96 8.06 -18.85 6.85
C VAL B 96 7.39 -19.83 5.87
N GLU B 97 6.93 -20.97 6.36
CA GLU B 97 6.33 -21.98 5.50
C GLU B 97 5.09 -21.41 4.82
N VAL B 98 4.20 -20.82 5.59
CA VAL B 98 2.96 -20.23 5.04
C VAL B 98 3.20 -19.07 4.07
N LEU B 99 4.23 -18.27 4.31
CA LEU B 99 4.49 -17.13 3.43
C LEU B 99 5.04 -17.68 2.11
N LEU B 100 5.85 -18.74 2.19
CA LEU B 100 6.37 -19.36 0.97
C LEU B 100 5.21 -19.95 0.13
N LYS B 101 4.34 -20.72 0.77
CA LYS B 101 3.11 -21.21 0.14
C LYS B 101 2.35 -20.13 -0.66
N TYR B 102 2.36 -18.90 -0.16
CA TYR B 102 1.58 -17.82 -0.76
C TYR B 102 2.35 -16.88 -1.70
N GLY B 103 3.51 -17.31 -2.18
CA GLY B 103 4.23 -16.58 -3.21
C GLY B 103 5.30 -15.61 -2.74
N ALA B 104 5.86 -15.86 -1.56
CA ALA B 104 6.86 -14.96 -1.00
C ALA B 104 8.14 -15.13 -1.79
N ASP B 105 8.77 -14.02 -2.15
CA ASP B 105 10.00 -13.99 -2.94
C ASP B 105 11.22 -14.45 -2.14
N VAL B 106 11.68 -15.66 -2.41
CA VAL B 106 12.75 -16.24 -1.60
C VAL B 106 14.10 -15.55 -1.78
N ASN B 107 14.25 -14.79 -2.87
CA ASN B 107 15.50 -14.08 -3.10
C ASN B 107 15.36 -12.55 -3.06
N ALA B 108 14.50 -12.09 -2.15
CA ALA B 108 14.28 -10.68 -2.02
C ALA B 108 15.44 -10.11 -1.20
N MET B 109 15.90 -8.94 -1.62
CA MET B 109 17.10 -8.31 -1.06
C MET B 109 16.74 -7.06 -0.29
N ASP B 110 17.33 -6.88 0.89
CA ASP B 110 17.12 -5.65 1.66
C ASP B 110 18.20 -4.65 1.24
N TYR B 111 18.50 -3.65 2.06
CA TYR B 111 19.36 -2.54 1.62
C TYR B 111 20.83 -2.74 2.00
N GLN B 112 21.08 -3.71 2.88
CA GLN B 112 22.40 -4.30 3.07
C GLN B 112 22.63 -5.43 2.06
N GLY B 113 21.63 -5.74 1.23
CA GLY B 113 21.67 -6.81 0.24
C GLY B 113 21.35 -8.22 0.75
N TYR B 114 20.92 -8.34 2.01
CA TYR B 114 20.46 -9.62 2.56
C TYR B 114 19.18 -10.11 1.88
N THR B 115 19.05 -11.43 1.79
CA THR B 115 17.83 -12.07 1.40
C THR B 115 17.45 -12.76 2.69
N PRO B 116 16.28 -13.38 2.77
CA PRO B 116 15.88 -14.09 4.01
C PRO B 116 16.82 -15.22 4.45
N LEU B 117 17.38 -15.95 3.49
CA LEU B 117 18.41 -16.95 3.75
C LEU B 117 19.61 -16.33 4.49
N HIS B 118 20.05 -15.16 4.04
CA HIS B 118 21.06 -14.39 4.77
C HIS B 118 20.64 -14.15 6.22
N LEU B 119 19.38 -13.79 6.46
CA LEU B 119 18.93 -13.47 7.83
C LEU B 119 18.82 -14.70 8.72
N ALA B 120 18.52 -15.85 8.14
CA ALA B 120 18.33 -17.06 8.93
C ALA B 120 19.70 -17.66 9.28
N ALA B 121 20.65 -17.49 8.36
CA ALA B 121 22.04 -17.91 8.56
C ALA B 121 22.73 -17.12 9.67
N GLU B 122 22.38 -15.84 9.79
CA GLU B 122 22.86 -14.99 10.88
C GLU B 122 22.34 -15.52 12.22
N ASP B 123 21.02 -15.70 12.28
CA ASP B 123 20.37 -16.15 13.50
C ASP B 123 20.55 -17.65 13.73
N GLY B 124 21.13 -18.35 12.76
CA GLY B 124 21.38 -19.77 12.88
C GLY B 124 20.14 -20.67 12.92
N HIS B 125 18.98 -20.14 12.53
CA HIS B 125 17.75 -20.92 12.47
C HIS B 125 17.84 -21.92 11.30
N LEU B 126 18.06 -23.18 11.66
CA LEU B 126 18.57 -24.21 10.73
C LEU B 126 17.47 -24.81 9.87
N GLU B 127 16.41 -25.24 10.53
CA GLU B 127 15.28 -25.81 9.80
C GLU B 127 14.42 -24.75 9.12
N ILE B 128 14.87 -23.48 9.11
CA ILE B 128 14.29 -22.48 8.21
C ILE B 128 15.14 -22.35 6.97
N VAL B 129 16.45 -22.50 7.13
CA VAL B 129 17.37 -22.51 6.00
C VAL B 129 17.12 -23.69 5.04
N GLU B 130 16.71 -24.84 5.58
CA GLU B 130 16.33 -25.94 4.72
C GLU B 130 15.20 -25.49 3.79
N VAL B 131 14.16 -24.91 4.39
CA VAL B 131 12.93 -24.57 3.71
C VAL B 131 13.20 -23.52 2.65
N LEU B 132 14.00 -22.52 3.01
CA LEU B 132 14.33 -21.48 2.06
C LEU B 132 15.05 -22.09 0.85
N LEU B 133 15.91 -23.07 1.12
CA LEU B 133 16.71 -23.67 0.06
C LEU B 133 15.85 -24.45 -0.92
N LYS B 134 14.87 -25.18 -0.43
CA LYS B 134 13.98 -25.96 -1.30
C LYS B 134 13.06 -25.06 -2.12
N TYR B 135 12.72 -23.90 -1.58
CA TYR B 135 11.89 -22.96 -2.31
C TYR B 135 12.74 -22.16 -3.28
N GLY B 136 13.98 -22.61 -3.48
CA GLY B 136 14.85 -22.11 -4.54
C GLY B 136 15.71 -20.95 -4.10
N ALA B 137 16.17 -20.99 -2.85
CA ALA B 137 16.94 -19.86 -2.30
C ALA B 137 18.39 -19.96 -2.75
N ASP B 138 18.72 -19.19 -3.77
CA ASP B 138 20.05 -19.16 -4.33
C ASP B 138 21.08 -18.82 -3.26
N VAL B 139 21.92 -19.80 -2.93
CA VAL B 139 23.00 -19.64 -1.93
C VAL B 139 24.19 -18.82 -2.45
N ASN B 140 24.32 -18.70 -3.77
CA ASN B 140 25.36 -17.88 -4.39
C ASN B 140 25.19 -16.41 -4.02
N ALA B 141 23.97 -16.04 -3.66
CA ALA B 141 23.62 -14.72 -3.15
C ALA B 141 24.72 -14.06 -2.31
N GLN B 142 25.23 -12.94 -2.80
CA GLN B 142 26.22 -12.13 -2.10
C GLN B 142 25.54 -10.86 -1.55
N ASP B 143 25.88 -10.46 -0.32
CA ASP B 143 25.36 -9.19 0.18
C ASP B 143 26.18 -8.04 -0.40
N LYS B 144 25.98 -6.82 0.09
CA LYS B 144 26.56 -5.65 -0.56
C LYS B 144 28.05 -5.54 -0.29
N PHE B 145 28.45 -5.75 0.96
CA PHE B 145 29.87 -5.82 1.30
C PHE B 145 30.49 -7.21 1.03
N GLY B 146 29.94 -7.92 0.04
CA GLY B 146 30.50 -9.16 -0.47
C GLY B 146 30.10 -10.44 0.25
N LYS B 147 30.08 -10.38 1.59
CA LYS B 147 30.15 -11.58 2.43
C LYS B 147 28.86 -12.42 2.47
N THR B 148 28.82 -13.43 1.60
CA THR B 148 27.73 -14.39 1.43
C THR B 148 27.28 -15.09 2.73
N ALA B 149 26.31 -16.00 2.61
CA ALA B 149 25.80 -16.79 3.74
C ALA B 149 26.83 -17.77 4.31
N PHE B 150 27.74 -18.25 3.45
CA PHE B 150 28.94 -18.99 3.86
C PHE B 150 29.76 -18.21 4.88
N ASP B 151 30.03 -16.95 4.56
CA ASP B 151 30.84 -16.08 5.43
C ASP B 151 30.12 -15.73 6.75
N ILE B 152 28.87 -16.17 6.91
CA ILE B 152 28.14 -16.04 8.19
C ILE B 152 27.97 -17.41 8.88
N SER B 153 28.36 -18.49 8.21
CA SER B 153 28.56 -19.78 8.88
C SER B 153 29.80 -19.73 9.76
N ILE B 154 30.81 -18.99 9.29
CA ILE B 154 32.10 -18.88 9.98
C ILE B 154 32.05 -17.92 11.17
N ASP B 155 31.15 -16.94 11.10
CA ASP B 155 30.92 -16.05 12.23
C ASP B 155 30.36 -16.86 13.39
N ASN B 156 29.67 -17.95 13.07
CA ASN B 156 29.07 -18.82 14.07
C ASN B 156 29.98 -20.00 14.47
N GLY B 157 31.01 -20.28 13.67
CA GLY B 157 31.90 -21.40 13.91
C GLY B 157 31.16 -22.73 13.86
N ASN B 158 30.32 -22.88 12.83
CA ASN B 158 29.28 -23.89 12.78
C ASN B 158 29.59 -25.07 11.86
N GLU B 159 29.84 -26.22 12.48
CA GLU B 159 29.86 -27.51 11.77
C GLU B 159 28.42 -28.06 11.70
N ASP B 160 27.45 -27.17 11.48
CA ASP B 160 26.05 -27.51 11.35
C ASP B 160 25.50 -26.89 10.06
N LEU B 161 25.65 -25.57 9.95
CA LEU B 161 25.22 -24.81 8.77
C LEU B 161 26.13 -25.03 7.56
N ALA B 162 27.43 -25.01 7.78
CA ALA B 162 28.40 -25.29 6.71
C ALA B 162 28.22 -26.71 6.22
N GLU B 163 28.03 -27.63 7.16
CA GLU B 163 27.89 -29.05 6.82
C GLU B 163 26.48 -29.38 6.32
N ILE B 164 25.74 -28.34 5.89
CA ILE B 164 24.56 -28.52 5.05
C ILE B 164 24.66 -27.55 3.87
N LEU B 165 25.84 -27.50 3.26
CA LEU B 165 26.15 -26.48 2.27
C LEU B 165 27.20 -26.96 1.26
N GLN B 166 26.83 -27.97 0.48
CA GLN B 166 27.55 -28.30 -0.75
C GLN B 166 26.56 -28.43 -1.91
N LYS B 167 26.96 -28.62 -3.06
N LYS C 3 5.82 11.71 -36.79
CA LYS C 3 4.38 11.32 -36.65
C LYS C 3 4.16 10.00 -37.37
N MET C 4 4.54 9.98 -38.64
CA MET C 4 4.56 8.76 -39.46
C MET C 4 3.27 7.95 -39.38
N ARG C 5 2.79 7.47 -40.51
CA ARG C 5 1.55 6.68 -40.60
C ARG C 5 0.30 7.55 -40.44
N ILE C 6 0.48 8.82 -40.78
CA ILE C 6 -0.62 9.75 -40.97
C ILE C 6 -0.75 10.02 -42.48
N SER C 7 -1.99 10.01 -42.95
CA SER C 7 -2.33 10.21 -44.35
C SER C 7 -1.84 11.56 -44.86
N PRO C 8 -1.78 11.71 -46.19
CA PRO C 8 -1.43 13.00 -46.81
C PRO C 8 -2.30 14.14 -46.36
N GLU C 9 -3.60 13.89 -46.33
CA GLU C 9 -4.58 14.89 -45.89
C GLU C 9 -4.40 15.26 -44.42
N LEU C 10 -4.07 14.29 -43.59
CA LEU C 10 -3.84 14.62 -42.16
C LEU C 10 -2.57 15.44 -42.03
N LYS C 11 -1.53 15.10 -42.79
CA LYS C 11 -0.30 15.94 -42.84
C LYS C 11 -0.62 17.39 -43.07
N LYS C 12 -1.46 17.62 -44.06
CA LYS C 12 -1.80 18.96 -44.46
C LYS C 12 -2.55 19.62 -43.33
N LEU C 13 -3.47 18.89 -42.74
CA LEU C 13 -4.25 19.40 -41.63
C LEU C 13 -3.36 19.89 -40.50
N ILE C 14 -2.22 19.25 -40.31
CA ILE C 14 -1.38 19.57 -39.17
C ILE C 14 -0.01 20.17 -39.49
N GLU C 15 0.23 20.54 -40.75
CA GLU C 15 1.57 20.94 -41.21
C GLU C 15 2.06 22.23 -40.56
N LYS C 16 1.11 23.01 -40.07
CA LYS C 16 1.35 24.29 -39.45
C LYS C 16 1.47 24.19 -37.93
N TYR C 17 1.67 22.99 -37.40
CA TYR C 17 1.80 22.81 -35.97
C TYR C 17 3.14 22.20 -35.71
N ARG C 18 3.74 22.55 -34.59
CA ARG C 18 4.93 21.84 -34.09
C ARG C 18 4.52 20.66 -33.23
N SER C 19 5.07 19.51 -33.55
CA SER C 19 4.72 18.29 -32.88
C SER C 19 5.70 17.98 -31.77
N VAL C 20 5.12 17.57 -30.63
CA VAL C 20 5.82 17.22 -29.41
C VAL C 20 5.23 15.91 -28.90
N LYS C 21 5.98 14.82 -28.98
CA LYS C 21 5.45 13.52 -28.57
C LYS C 21 5.43 13.38 -27.07
N ASP C 22 4.24 13.12 -26.53
CA ASP C 22 4.03 12.78 -25.11
C ASP C 22 4.95 11.62 -24.71
N THR C 23 6.07 11.92 -24.05
CA THR C 23 7.12 10.91 -23.84
C THR C 23 6.85 9.94 -22.69
N GLU C 24 5.88 10.26 -21.83
CA GLU C 24 5.47 9.37 -20.74
C GLU C 24 4.45 8.34 -21.25
N GLY C 25 4.94 7.24 -21.81
CA GLY C 25 4.10 6.26 -22.48
C GLY C 25 3.55 5.17 -21.57
N MET C 26 2.39 5.42 -20.97
CA MET C 26 1.74 4.41 -20.13
C MET C 26 1.10 3.31 -20.98
N SER C 27 0.34 3.71 -22.00
CA SER C 27 -0.43 2.78 -22.83
C SER C 27 0.26 2.59 -24.18
N PRO C 28 -0.26 1.74 -25.05
CA PRO C 28 0.30 1.58 -26.39
C PRO C 28 -0.03 2.71 -27.41
N ALA C 29 -0.83 3.71 -27.06
CA ALA C 29 -1.11 4.84 -27.96
C ALA C 29 0.10 5.76 -28.06
N LYS C 30 0.29 6.35 -29.23
CA LYS C 30 1.22 7.45 -29.41
C LYS C 30 0.44 8.73 -29.40
N VAL C 31 0.90 9.70 -28.63
CA VAL C 31 0.20 10.97 -28.43
C VAL C 31 1.18 12.11 -28.72
N TYR C 32 0.79 12.99 -29.63
CA TYR C 32 1.48 14.22 -29.96
C TYR C 32 0.64 15.46 -29.59
N LYS C 33 1.26 16.40 -28.89
CA LYS C 33 0.71 17.72 -28.74
C LYS C 33 1.15 18.46 -29.98
N LEU C 34 0.25 19.25 -30.55
CA LEU C 34 0.48 19.90 -31.83
C LEU C 34 0.31 21.34 -31.50
N VAL C 35 1.45 22.03 -31.43
CA VAL C 35 1.52 23.39 -30.91
C VAL C 35 1.37 24.38 -32.05
N GLY C 36 0.33 25.20 -32.00
CA GLY C 36 0.10 26.14 -33.08
C GLY C 36 0.13 27.59 -32.66
N GLU C 37 0.08 28.47 -33.65
CA GLU C 37 0.00 29.91 -33.38
C GLU C 37 -1.24 30.22 -32.54
N ASN C 38 -2.40 29.72 -32.97
CA ASN C 38 -3.68 30.09 -32.36
C ASN C 38 -4.25 29.13 -31.32
N GLU C 39 -3.85 27.89 -31.42
CA GLU C 39 -4.29 26.86 -30.49
C GLU C 39 -3.39 25.64 -30.58
N ASN C 40 -3.60 24.69 -29.67
CA ASN C 40 -3.01 23.35 -29.72
C ASN C 40 -4.09 22.30 -30.01
N LEU C 41 -3.72 21.26 -30.73
CA LEU C 41 -4.54 20.09 -31.00
C LEU C 41 -3.78 18.92 -30.44
N TYR C 42 -4.44 17.76 -30.35
CA TYR C 42 -3.74 16.53 -29.97
C TYR C 42 -4.02 15.48 -30.98
N LEU C 43 -3.03 14.69 -31.32
CA LEU C 43 -3.21 13.54 -32.22
C LEU C 43 -2.91 12.27 -31.44
N LYS C 44 -3.78 11.30 -31.48
CA LYS C 44 -3.54 10.07 -30.78
C LYS C 44 -3.72 8.91 -31.73
N MET C 45 -2.83 7.95 -31.67
CA MET C 45 -2.79 6.94 -32.70
C MET C 45 -2.58 5.61 -32.01
N THR C 46 -3.34 4.60 -32.42
CA THR C 46 -3.11 3.24 -31.93
C THR C 46 -3.06 2.29 -33.10
N ASP C 47 -2.24 1.25 -32.96
CA ASP C 47 -2.28 0.11 -33.85
C ASP C 47 -3.71 -0.36 -34.05
N SER C 48 -4.15 -0.41 -35.31
CA SER C 48 -5.47 -0.89 -35.68
C SER C 48 -5.77 -2.35 -35.26
N ARG C 49 -4.74 -3.15 -34.98
CA ARG C 49 -4.96 -4.42 -34.30
C ARG C 49 -5.74 -4.30 -32.96
N TYR C 50 -5.79 -3.12 -32.35
CA TYR C 50 -6.52 -2.95 -31.06
C TYR C 50 -8.03 -2.79 -31.26
N LYS C 51 -8.44 -2.77 -32.53
CA LYS C 51 -9.80 -2.59 -33.00
C LYS C 51 -10.82 -3.36 -32.15
N GLY C 52 -11.90 -2.66 -31.79
CA GLY C 52 -12.91 -3.23 -30.89
C GLY C 52 -12.55 -3.08 -29.42
N THR C 53 -11.30 -3.39 -29.04
CA THR C 53 -10.85 -3.31 -27.63
C THR C 53 -10.87 -1.89 -27.07
N THR C 54 -10.60 -1.79 -25.76
CA THR C 54 -10.63 -0.54 -25.04
C THR C 54 -9.35 0.24 -25.27
N TYR C 55 -8.38 -0.34 -25.96
CA TYR C 55 -7.18 0.37 -26.37
C TYR C 55 -7.25 1.01 -27.75
N ASP C 56 -8.40 0.89 -28.41
CA ASP C 56 -8.55 1.33 -29.78
C ASP C 56 -8.92 2.78 -29.79
N VAL C 57 -8.18 3.58 -30.54
CA VAL C 57 -8.51 5.00 -30.58
C VAL C 57 -9.81 5.26 -31.26
N GLU C 58 -10.26 4.33 -32.10
CA GLU C 58 -11.53 4.48 -32.78
C GLU C 58 -12.75 4.30 -31.83
N ARG C 59 -12.67 3.35 -30.91
CA ARG C 59 -13.67 3.21 -29.86
C ARG C 59 -13.66 4.46 -28.98
N GLU C 60 -12.47 4.96 -28.62
CA GLU C 60 -12.35 6.26 -27.94
C GLU C 60 -13.04 7.36 -28.72
N LYS C 61 -12.83 7.39 -30.05
CA LYS C 61 -13.48 8.38 -30.88
C LYS C 61 -15.02 8.24 -30.87
N ASP C 62 -15.54 7.03 -30.91
CA ASP C 62 -16.98 6.85 -30.90
C ASP C 62 -17.62 7.26 -29.56
N MET C 63 -16.90 7.03 -28.47
CA MET C 63 -17.36 7.47 -27.15
C MET C 63 -17.32 8.96 -27.05
N MET C 64 -16.26 9.58 -27.57
CA MET C 64 -16.24 11.05 -27.63
C MET C 64 -17.41 11.66 -28.36
N LEU C 65 -17.84 11.03 -29.45
CA LEU C 65 -18.96 11.53 -30.25
C LEU C 65 -20.25 11.33 -29.44
N TRP C 66 -20.41 10.15 -28.88
CA TRP C 66 -21.60 9.85 -28.06
C TRP C 66 -21.69 10.81 -26.87
N LEU C 67 -20.56 11.23 -26.33
CA LEU C 67 -20.51 12.04 -25.15
C LEU C 67 -20.73 13.49 -25.37
N GLU C 68 -20.89 13.89 -26.61
CA GLU C 68 -21.17 15.26 -26.94
C GLU C 68 -22.58 15.65 -26.38
N GLY C 69 -22.61 16.71 -25.56
CA GLY C 69 -23.82 17.08 -24.83
C GLY C 69 -24.03 16.36 -23.50
N LYS C 70 -23.09 15.51 -23.09
CA LYS C 70 -23.24 14.69 -21.88
C LYS C 70 -22.10 14.97 -20.92
N LEU C 71 -20.88 15.03 -21.42
CA LEU C 71 -19.71 15.33 -20.61
C LEU C 71 -18.79 16.23 -21.41
N PRO C 72 -18.03 17.11 -20.76
CA PRO C 72 -17.09 17.98 -21.46
C PRO C 72 -15.86 17.13 -21.94
N VAL C 73 -15.75 16.96 -23.25
CA VAL C 73 -14.73 16.08 -23.86
C VAL C 73 -14.16 16.84 -25.01
N PRO C 74 -13.01 16.45 -25.57
CA PRO C 74 -12.53 17.14 -26.77
C PRO C 74 -13.43 16.93 -28.02
N LYS C 75 -13.34 17.89 -28.93
CA LYS C 75 -13.94 17.79 -30.23
C LYS C 75 -13.11 16.89 -31.14
N VAL C 76 -13.77 15.93 -31.79
CA VAL C 76 -13.19 15.06 -32.82
C VAL C 76 -13.00 15.96 -34.07
N LEU C 77 -11.77 16.21 -34.49
CA LEU C 77 -11.47 17.03 -35.67
C LEU C 77 -11.24 16.15 -36.88
N HIS C 78 -10.65 14.96 -36.72
CA HIS C 78 -10.40 14.06 -37.85
C HIS C 78 -10.12 12.66 -37.33
N PHE C 79 -10.69 11.69 -37.99
CA PHE C 79 -10.38 10.33 -37.73
C PHE C 79 -10.14 9.57 -39.04
N GLU C 80 -9.17 8.68 -39.01
CA GLU C 80 -8.80 7.87 -40.15
C GLU C 80 -8.04 6.65 -39.70
N ARG C 81 -8.19 5.59 -40.46
CA ARG C 81 -7.26 4.49 -40.44
C ARG C 81 -6.33 4.67 -41.61
N HIS C 82 -5.05 4.49 -41.37
CA HIS C 82 -4.04 4.69 -42.40
C HIS C 82 -2.90 3.77 -42.03
N ASP C 83 -2.69 2.75 -42.87
CA ASP C 83 -1.42 2.00 -42.90
C ASP C 83 -1.24 1.25 -41.60
N GLY C 84 -2.25 0.47 -41.27
CA GLY C 84 -2.28 -0.25 -40.01
C GLY C 84 -2.48 0.54 -38.72
N TRP C 85 -2.62 1.87 -38.77
CA TRP C 85 -2.87 2.67 -37.57
C TRP C 85 -4.22 3.42 -37.59
N SER C 86 -4.74 3.68 -36.40
CA SER C 86 -5.98 4.44 -36.20
C SER C 86 -5.58 5.75 -35.54
N ASN C 87 -5.99 6.85 -36.15
CA ASN C 87 -5.46 8.17 -35.85
C ASN C 87 -6.63 9.08 -35.55
N LEU C 88 -6.58 9.73 -34.41
CA LEU C 88 -7.58 10.71 -34.04
C LEU C 88 -6.96 12.04 -33.81
N LEU C 89 -7.46 13.08 -34.49
CA LEU C 89 -7.06 14.45 -34.19
C LEU C 89 -8.18 15.08 -33.39
N MET C 90 -7.84 15.83 -32.33
CA MET C 90 -8.85 16.38 -31.42
C MET C 90 -8.45 17.74 -30.88
N SER C 91 -9.41 18.45 -30.33
CA SER C 91 -9.14 19.71 -29.69
C SER C 91 -8.41 19.47 -28.38
N GLU C 92 -7.82 20.51 -27.81
CA GLU C 92 -7.14 20.42 -26.53
C GLU C 92 -8.24 20.58 -25.50
N ALA C 93 -8.20 19.81 -24.43
CA ALA C 93 -9.26 19.94 -23.42
C ALA C 93 -9.15 21.32 -22.78
N ASP C 94 -10.26 21.77 -22.21
CA ASP C 94 -10.30 23.02 -21.45
C ASP C 94 -9.77 22.78 -20.06
N GLY C 95 -8.93 23.71 -19.62
CA GLY C 95 -8.51 23.82 -18.24
C GLY C 95 -7.17 23.20 -18.12
N VAL C 96 -6.80 22.84 -16.90
CA VAL C 96 -5.52 22.28 -16.59
C VAL C 96 -5.74 20.89 -16.08
N LEU C 97 -4.85 20.01 -16.49
CA LEU C 97 -4.82 18.66 -16.03
C LEU C 97 -4.69 18.64 -14.52
N CYS C 98 -5.59 17.93 -13.87
CA CYS C 98 -5.67 17.87 -12.42
C CYS C 98 -4.31 17.57 -11.75
N SER C 99 -3.58 16.62 -12.32
CA SER C 99 -2.32 16.14 -11.79
C SER C 99 -1.28 17.27 -11.72
N GLU C 100 -1.26 18.14 -12.72
CA GLU C 100 -0.39 19.34 -12.73
C GLU C 100 -0.90 20.48 -11.86
N GLU C 101 -2.21 20.67 -11.83
CA GLU C 101 -2.83 21.80 -11.14
C GLU C 101 -2.55 21.76 -9.65
N TYR C 102 -2.51 20.56 -9.09
CA TYR C 102 -2.36 20.38 -7.65
C TYR C 102 -1.17 19.45 -7.37
N GLU C 103 -0.18 19.53 -8.25
CA GLU C 103 0.97 18.61 -8.28
C GLU C 103 1.82 18.68 -7.00
N ASP C 104 1.76 19.83 -6.33
CA ASP C 104 2.62 20.12 -5.19
C ASP C 104 2.09 19.39 -3.94
N GLU C 105 1.10 18.52 -4.15
CA GLU C 105 0.57 17.63 -3.11
C GLU C 105 -0.13 18.39 -1.98
N GLN C 106 -0.40 19.66 -2.23
CA GLN C 106 -0.72 20.63 -1.19
C GLN C 106 -2.21 20.94 -1.07
N SER C 107 -3.05 20.32 -1.91
CA SER C 107 -4.51 20.55 -1.87
C SER C 107 -5.29 19.23 -2.05
N PRO C 108 -5.30 18.40 -1.02
CA PRO C 108 -5.97 17.10 -1.13
C PRO C 108 -7.50 17.16 -1.05
N GLU C 109 -8.12 18.07 -0.31
CA GLU C 109 -9.59 18.16 -0.35
C GLU C 109 -10.12 18.70 -1.68
N LYS C 110 -9.32 19.47 -2.40
CA LYS C 110 -9.74 19.97 -3.71
C LYS C 110 -10.04 18.77 -4.62
N ILE C 111 -9.05 17.90 -4.72
CA ILE C 111 -9.13 16.77 -5.63
C ILE C 111 -10.20 15.75 -5.22
N ILE C 112 -10.46 15.60 -3.93
CA ILE C 112 -11.55 14.77 -3.48
C ILE C 112 -12.86 15.33 -3.98
N GLU C 113 -13.05 16.64 -3.84
CA GLU C 113 -14.24 17.29 -4.39
C GLU C 113 -14.39 17.04 -5.90
N LEU C 114 -13.28 17.00 -6.62
CA LEU C 114 -13.31 16.77 -8.07
C LEU C 114 -13.80 15.34 -8.39
N TYR C 115 -13.28 14.36 -7.67
CA TYR C 115 -13.72 12.97 -7.83
C TYR C 115 -15.19 12.82 -7.59
N ALA C 116 -15.67 13.45 -6.52
CA ALA C 116 -17.07 13.35 -6.13
C ALA C 116 -17.89 13.98 -7.23
N GLU C 117 -17.41 15.11 -7.74
CA GLU C 117 -18.13 15.77 -8.82
C GLU C 117 -18.19 14.89 -10.09
N CYS C 118 -17.10 14.19 -10.40
CA CYS C 118 -17.08 13.29 -11.57
C CYS C 118 -18.16 12.21 -11.41
N ILE C 119 -18.17 11.56 -10.26
CA ILE C 119 -19.12 10.46 -10.01
C ILE C 119 -20.56 10.95 -10.22
N ARG C 120 -20.85 12.15 -9.74
CA ARG C 120 -22.17 12.80 -9.94
C ARG C 120 -22.51 13.16 -11.38
N LEU C 121 -21.53 13.68 -12.12
CA LEU C 121 -21.71 13.83 -13.56
C LEU C 121 -22.05 12.51 -14.18
N PHE C 122 -21.29 11.47 -13.84
CA PHE C 122 -21.46 10.16 -14.49
C PHE C 122 -22.83 9.56 -14.16
N HIS C 123 -23.25 9.73 -12.91
CA HIS C 123 -24.51 9.11 -12.46
C HIS C 123 -25.68 9.81 -13.12
N SER C 124 -25.45 11.02 -13.60
CA SER C 124 -26.49 11.78 -14.30
C SER C 124 -26.69 11.37 -15.75
N ILE C 125 -25.81 10.54 -16.31
CA ILE C 125 -25.91 10.23 -17.74
C ILE C 125 -26.84 9.08 -18.09
N ASP C 126 -27.67 9.33 -19.09
CA ASP C 126 -28.51 8.29 -19.69
C ASP C 126 -27.70 7.32 -20.53
N ILE C 127 -27.64 6.06 -20.08
CA ILE C 127 -26.89 5.03 -20.78
C ILE C 127 -27.76 4.04 -21.51
N SER C 128 -29.04 4.35 -21.67
CA SER C 128 -29.94 3.45 -22.39
C SER C 128 -29.42 3.13 -23.81
N ASP C 129 -28.87 4.13 -24.51
CA ASP C 129 -28.25 3.90 -25.83
C ASP C 129 -26.72 4.06 -25.89
N CYS C 130 -26.02 3.72 -24.82
CA CYS C 130 -24.58 3.90 -24.75
C CYS C 130 -23.94 2.81 -25.59
N PRO C 131 -23.02 3.18 -26.48
CA PRO C 131 -22.46 2.23 -27.45
C PRO C 131 -21.68 1.06 -26.87
N TYR C 132 -21.17 1.15 -25.65
CA TYR C 132 -20.41 0.03 -25.07
C TYR C 132 -20.79 -0.31 -23.64
N THR C 133 -20.65 -1.60 -23.35
CA THR C 133 -20.91 -2.13 -22.04
C THR C 133 -19.69 -2.88 -21.58
N ASN C 134 -19.19 -2.53 -20.40
CA ASN C 134 -18.00 -3.14 -19.84
C ASN C 134 -18.43 -4.08 -18.69
N SER C 135 -18.16 -5.37 -18.80
CA SER C 135 -18.49 -6.31 -17.76
C SER C 135 -17.32 -7.25 -17.55
N LEU C 136 -17.41 -8.11 -16.53
CA LEU C 136 -16.44 -9.16 -16.33
C LEU C 136 -16.28 -9.89 -17.63
N ASP C 137 -17.41 -10.22 -18.17
CA ASP C 137 -17.44 -11.01 -19.37
C ASP C 137 -16.81 -10.31 -20.56
N SER C 138 -17.12 -9.03 -20.78
CA SER C 138 -16.50 -8.26 -21.89
C SER C 138 -14.99 -8.14 -21.67
N ARG C 139 -14.58 -8.02 -20.41
CA ARG C 139 -13.19 -7.86 -20.10
C ARG C 139 -12.41 -9.15 -20.30
N LEU C 140 -13.04 -10.28 -19.99
CA LEU C 140 -12.42 -11.58 -20.27
C LEU C 140 -12.39 -11.79 -21.78
N ALA C 141 -13.46 -11.39 -22.48
CA ALA C 141 -13.50 -11.52 -23.95
C ALA C 141 -12.43 -10.68 -24.64
N GLU C 142 -12.22 -9.46 -24.14
CA GLU C 142 -11.24 -8.53 -24.71
C GLU C 142 -9.84 -9.02 -24.43
N LEU C 143 -9.69 -9.55 -23.24
CA LEU C 143 -8.38 -10.02 -22.84
C LEU C 143 -8.04 -11.32 -23.56
N ASP C 144 -9.05 -12.10 -23.92
CA ASP C 144 -8.78 -13.34 -24.66
C ASP C 144 -8.37 -12.95 -26.07
N TYR C 145 -9.00 -11.93 -26.62
CA TYR C 145 -8.47 -11.30 -27.83
C TYR C 145 -6.91 -11.07 -27.74
N LEU C 146 -6.28 -11.14 -26.54
CA LEU C 146 -4.80 -11.46 -26.40
C LEU C 146 -4.24 -12.78 -27.09
N LEU C 147 -5.07 -13.47 -27.84
CA LEU C 147 -4.62 -14.47 -28.80
C LEU C 147 -3.96 -13.81 -30.04
N ASN C 148 -3.87 -12.48 -30.02
CA ASN C 148 -3.25 -11.69 -31.08
C ASN C 148 -1.93 -11.11 -30.58
N ASN C 149 -1.46 -11.66 -29.45
CA ASN C 149 -0.19 -11.33 -28.82
C ASN C 149 0.06 -9.83 -28.68
N ASP C 150 -1.01 -9.07 -28.43
CA ASP C 150 -0.93 -7.62 -28.33
C ASP C 150 -0.45 -7.25 -26.94
N LEU C 151 0.65 -7.89 -26.54
CA LEU C 151 1.31 -7.63 -25.26
C LEU C 151 0.35 -7.16 -24.19
N ALA C 152 -0.34 -8.10 -23.56
CA ALA C 152 -0.76 -7.90 -22.17
C ALA C 152 0.61 -7.76 -21.54
N ASP C 153 1.12 -6.52 -21.63
CA ASP C 153 2.56 -6.20 -21.79
C ASP C 153 3.62 -7.31 -21.63
N VAL C 154 4.87 -6.94 -21.91
CA VAL C 154 6.02 -7.71 -21.46
C VAL C 154 6.72 -6.91 -20.38
N ASP C 155 7.26 -7.60 -19.39
CA ASP C 155 8.21 -7.01 -18.48
C ASP C 155 9.56 -7.16 -19.16
N SER C 156 10.11 -6.06 -19.67
CA SER C 156 11.36 -6.11 -20.45
C SER C 156 12.61 -6.30 -19.57
N GLU C 157 12.43 -6.50 -18.26
CA GLU C 157 13.39 -7.24 -17.44
C GLU C 157 12.68 -8.47 -16.92
N ASN C 158 13.30 -9.62 -17.10
CA ASN C 158 12.75 -10.93 -16.72
C ASN C 158 11.80 -11.51 -17.77
N TRP C 159 11.31 -10.66 -18.70
CA TRP C 159 10.57 -11.08 -19.92
C TRP C 159 9.31 -11.93 -19.72
N GLU C 160 8.67 -11.79 -18.57
CA GLU C 160 7.41 -12.51 -18.34
C GLU C 160 6.26 -11.66 -18.89
N GLU C 161 5.29 -12.30 -19.52
CA GLU C 161 4.10 -11.56 -19.95
C GLU C 161 3.25 -11.18 -18.72
N ASP C 162 2.52 -10.06 -18.80
CA ASP C 162 1.69 -9.60 -17.70
C ASP C 162 0.56 -10.59 -17.37
N THR C 163 -0.19 -11.00 -18.38
CA THR C 163 -1.16 -12.12 -18.33
C THR C 163 -1.67 -12.61 -16.94
N PRO C 164 -2.98 -12.86 -16.83
CA PRO C 164 -3.59 -13.24 -15.54
C PRO C 164 -3.39 -14.69 -15.14
N PHE C 165 -3.03 -15.54 -16.10
CA PHE C 165 -2.80 -16.97 -15.83
C PHE C 165 -1.35 -17.30 -15.47
N LYS C 166 -0.62 -16.29 -15.01
CA LYS C 166 0.66 -16.53 -14.33
C LYS C 166 0.50 -17.65 -13.29
N ASP C 167 -0.32 -17.40 -12.26
CA ASP C 167 -0.65 -18.40 -11.26
C ASP C 167 -2.10 -18.85 -11.48
N PRO C 168 -2.30 -20.03 -12.03
CA PRO C 168 -3.65 -20.49 -12.39
C PRO C 168 -4.54 -20.52 -11.16
N ARG C 169 -3.97 -20.82 -10.01
CA ARG C 169 -4.68 -20.78 -8.73
C ARG C 169 -5.42 -19.48 -8.43
N GLU C 170 -4.80 -18.34 -8.81
CA GLU C 170 -5.38 -17.04 -8.54
C GLU C 170 -6.56 -16.77 -9.47
N LEU C 171 -6.38 -17.08 -10.75
CA LEU C 171 -7.47 -16.91 -11.74
C LEU C 171 -8.72 -17.63 -11.32
N TYR C 172 -8.52 -18.84 -10.86
CA TYR C 172 -9.62 -19.75 -10.69
C TYR C 172 -10.35 -19.38 -9.43
N ASP C 173 -9.61 -18.98 -8.39
CA ASP C 173 -10.21 -18.49 -7.15
C ASP C 173 -11.02 -17.22 -7.46
N PHE C 174 -10.47 -16.35 -8.27
CA PHE C 174 -11.21 -15.14 -8.64
C PHE C 174 -12.53 -15.50 -9.34
N LEU C 175 -12.43 -16.39 -10.31
CA LEU C 175 -13.61 -16.77 -11.13
C LEU C 175 -14.68 -17.44 -10.30
N LYS C 176 -14.25 -18.17 -9.26
CA LYS C 176 -15.17 -18.82 -8.32
C LYS C 176 -15.97 -17.82 -7.47
N THR C 177 -15.35 -16.68 -7.20
CA THR C 177 -15.97 -15.61 -6.43
C THR C 177 -17.26 -15.11 -7.05
N GLU C 178 -18.29 -14.95 -6.22
CA GLU C 178 -19.58 -14.45 -6.68
C GLU C 178 -19.44 -12.98 -7.13
N LYS C 179 -19.90 -12.72 -8.33
CA LYS C 179 -19.82 -11.43 -8.97
C LYS C 179 -20.97 -10.62 -8.41
N PRO C 180 -20.71 -9.38 -7.97
CA PRO C 180 -21.79 -8.55 -7.42
C PRO C 180 -22.81 -8.17 -8.46
N GLU C 181 -24.06 -8.04 -8.03
CA GLU C 181 -25.13 -7.64 -8.93
C GLU C 181 -24.84 -6.24 -9.44
N GLU C 182 -24.85 -6.06 -10.76
CA GLU C 182 -24.43 -4.81 -11.40
C GLU C 182 -25.52 -3.74 -11.35
N GLU C 183 -25.10 -2.55 -10.98
CA GLU C 183 -25.91 -1.35 -10.99
C GLU C 183 -25.31 -0.39 -12.03
N LEU C 184 -25.89 -0.37 -13.21
CA LEU C 184 -25.20 0.16 -14.36
C LEU C 184 -25.36 1.67 -14.46
N VAL C 185 -24.23 2.34 -14.54
CA VAL C 185 -24.15 3.76 -14.80
C VAL C 185 -23.11 4.02 -15.89
N PHE C 186 -22.98 5.28 -16.29
CA PHE C 186 -21.91 5.66 -17.14
C PHE C 186 -20.67 5.55 -16.34
N SER C 187 -19.67 4.88 -16.92
CA SER C 187 -18.40 4.63 -16.27
C SER C 187 -17.22 5.11 -17.14
N HIS C 188 -16.33 5.91 -16.57
CA HIS C 188 -15.19 6.39 -17.31
C HIS C 188 -14.18 5.28 -17.55
N GLY C 189 -13.88 4.49 -16.52
CA GLY C 189 -13.04 3.31 -16.68
C GLY C 189 -11.54 3.49 -16.49
N ASP C 190 -11.05 4.71 -16.53
CA ASP C 190 -9.60 4.96 -16.30
C ASP C 190 -9.45 6.27 -15.55
N LEU C 191 -10.25 6.40 -14.51
CA LEU C 191 -10.43 7.65 -13.81
C LEU C 191 -9.20 7.88 -12.95
N GLY C 192 -8.68 9.10 -13.00
CA GLY C 192 -7.43 9.39 -12.36
C GLY C 192 -6.99 10.79 -12.72
N ASP C 193 -6.40 11.47 -11.73
CA ASP C 193 -5.69 12.73 -11.89
C ASP C 193 -5.23 13.13 -13.31
N SER C 194 -4.70 12.17 -14.09
CA SER C 194 -4.12 12.42 -15.43
C SER C 194 -5.09 12.16 -16.62
N ASN C 195 -6.35 11.96 -16.32
CA ASN C 195 -7.42 11.93 -17.33
C ASN C 195 -8.51 12.95 -17.06
N ILE C 196 -8.28 13.82 -16.04
CA ILE C 196 -9.25 14.88 -15.69
C ILE C 196 -8.71 16.31 -15.71
N PHE C 197 -9.46 17.20 -16.36
CA PHE C 197 -9.17 18.61 -16.45
C PHE C 197 -10.08 19.43 -15.55
N VAL C 198 -9.46 20.45 -14.93
CA VAL C 198 -10.10 21.33 -13.95
C VAL C 198 -9.93 22.78 -14.39
N LYS C 199 -11.01 23.54 -14.23
CA LYS C 199 -11.05 24.97 -14.33
C LYS C 199 -11.86 25.54 -13.16
N ASP C 200 -11.29 26.48 -12.41
CA ASP C 200 -12.00 27.14 -11.29
C ASP C 200 -12.48 26.14 -10.22
N GLY C 201 -11.63 25.21 -9.83
CA GLY C 201 -12.01 24.18 -8.87
C GLY C 201 -12.89 23.04 -9.38
N LYS C 202 -13.50 23.20 -10.56
CA LYS C 202 -14.47 22.24 -11.11
C LYS C 202 -14.03 21.58 -12.44
N VAL C 203 -14.64 20.44 -12.76
CA VAL C 203 -14.19 19.64 -13.90
C VAL C 203 -14.60 20.31 -15.21
N SER C 204 -13.61 20.49 -16.06
CA SER C 204 -13.73 21.15 -17.38
C SER C 204 -13.39 20.21 -18.54
N GLY C 205 -12.87 19.01 -18.26
CA GLY C 205 -12.65 18.09 -19.36
C GLY C 205 -12.29 16.70 -18.98
N PHE C 206 -12.63 15.77 -19.87
CA PHE C 206 -12.21 14.37 -19.72
C PHE C 206 -11.50 13.89 -21.00
N ILE C 207 -10.43 13.12 -20.83
CA ILE C 207 -9.75 12.46 -21.90
C ILE C 207 -9.62 11.00 -21.51
N ASP C 208 -8.95 10.22 -22.37
CA ASP C 208 -8.71 8.80 -22.13
C ASP C 208 -9.95 7.96 -21.89
N LEU C 209 -10.78 7.91 -22.93
CA LEU C 209 -12.14 7.43 -22.84
C LEU C 209 -12.33 6.08 -23.47
N GLY C 210 -11.23 5.35 -23.68
CA GLY C 210 -11.22 4.06 -24.37
C GLY C 210 -11.92 2.97 -23.61
N ARG C 211 -11.82 3.03 -22.27
CA ARG C 211 -12.46 2.04 -21.40
C ARG C 211 -13.88 2.45 -20.96
N SER C 212 -14.39 3.54 -21.52
CA SER C 212 -15.57 4.14 -20.98
C SER C 212 -16.82 3.48 -21.55
N GLY C 213 -17.93 3.64 -20.84
CA GLY C 213 -19.18 3.06 -21.20
C GLY C 213 -20.06 2.73 -20.01
N ARG C 214 -20.99 1.82 -20.24
CA ARG C 214 -21.93 1.36 -19.23
C ARG C 214 -21.27 0.29 -18.34
N ALA C 215 -21.18 0.52 -17.04
CA ALA C 215 -20.59 -0.47 -16.16
C ALA C 215 -21.16 -0.28 -14.77
N ASP C 216 -20.79 -1.18 -13.86
CA ASP C 216 -21.22 -1.09 -12.49
C ASP C 216 -20.72 0.19 -11.84
N LYS C 217 -21.57 0.86 -11.08
CA LYS C 217 -21.18 2.12 -10.45
C LYS C 217 -20.00 2.03 -9.48
N TRP C 218 -19.73 0.84 -8.95
CA TRP C 218 -18.65 0.66 -7.99
C TRP C 218 -17.31 0.59 -8.66
N TYR C 219 -17.26 0.48 -10.00
CA TYR C 219 -15.97 0.39 -10.69
C TYR C 219 -15.18 1.70 -10.55
N ASP C 220 -15.81 2.81 -10.95
CA ASP C 220 -15.19 4.12 -10.84
C ASP C 220 -14.98 4.55 -9.37
N ILE C 221 -15.91 4.19 -8.49
CA ILE C 221 -15.75 4.48 -7.07
C ILE C 221 -14.53 3.73 -6.48
N ALA C 222 -14.45 2.45 -6.78
CA ALA C 222 -13.25 1.65 -6.47
C ALA C 222 -11.92 2.25 -6.91
N PHE C 223 -11.88 2.78 -8.14
CA PHE C 223 -10.67 3.39 -8.70
C PHE C 223 -10.29 4.64 -7.96
N CYS C 224 -11.29 5.41 -7.58
CA CYS C 224 -11.06 6.58 -6.78
C CYS C 224 -10.48 6.24 -5.42
N VAL C 225 -11.14 5.32 -4.71
CA VAL C 225 -10.65 4.90 -3.41
C VAL C 225 -9.19 4.49 -3.56
N ARG C 226 -8.93 3.61 -4.50
CA ARG C 226 -7.58 3.15 -4.68
C ARG C 226 -6.61 4.29 -4.90
N SER C 227 -6.99 5.31 -5.68
CA SER C 227 -6.08 6.41 -5.99
C SER C 227 -5.82 7.36 -4.80
N ILE C 228 -6.88 7.66 -4.06
CA ILE C 228 -6.71 8.49 -2.87
C ILE C 228 -5.73 7.80 -1.93
N ARG C 229 -5.85 6.49 -1.82
CA ARG C 229 -5.03 5.73 -0.89
C ARG C 229 -3.58 5.59 -1.38
N GLU C 230 -3.45 5.36 -2.67
CA GLU C 230 -2.19 5.03 -3.32
C GLU C 230 -1.37 6.29 -3.59
N ASP C 231 -2.06 7.39 -3.94
CA ASP C 231 -1.41 8.62 -4.43
C ASP C 231 -1.42 9.72 -3.40
N ILE C 232 -2.53 9.90 -2.71
CA ILE C 232 -2.63 10.89 -1.63
C ILE C 232 -2.13 10.37 -0.28
N GLY C 233 -2.31 9.07 -0.06
CA GLY C 233 -1.76 8.40 1.11
C GLY C 233 -2.46 8.63 2.43
N GLU C 234 -3.59 9.33 2.47
CA GLU C 234 -4.24 9.67 3.75
C GLU C 234 -5.69 9.26 3.78
N GLU C 235 -6.03 8.39 4.73
CA GLU C 235 -7.28 7.68 4.77
C GLU C 235 -8.47 8.56 5.22
N GLN C 236 -8.17 9.71 5.80
CA GLN C 236 -9.25 10.67 6.14
C GLN C 236 -10.03 11.13 4.89
N TYR C 237 -9.33 11.18 3.76
CA TYR C 237 -9.96 11.66 2.52
C TYR C 237 -10.84 10.62 1.83
N VAL C 238 -10.73 9.35 2.23
CA VAL C 238 -11.66 8.34 1.75
C VAL C 238 -13.00 8.57 2.40
N GLU C 239 -12.98 8.86 3.70
CA GLU C 239 -14.23 9.12 4.41
C GLU C 239 -14.87 10.41 3.87
N LEU C 240 -14.05 11.39 3.57
CA LEU C 240 -14.53 12.67 3.03
C LEU C 240 -15.21 12.40 1.68
N PHE C 241 -14.54 11.63 0.83
CA PHE C 241 -15.07 11.21 -0.47
C PHE C 241 -16.45 10.65 -0.37
N PHE C 242 -16.69 9.70 0.54
CA PHE C 242 -18.00 9.05 0.65
C PHE C 242 -19.03 9.96 1.30
N ASP C 243 -18.58 10.75 2.27
CA ASP C 243 -19.41 11.83 2.80
C ASP C 243 -19.84 12.77 1.66
N LEU C 244 -18.90 13.17 0.80
CA LEU C 244 -19.29 13.98 -0.36
C LEU C 244 -20.27 13.29 -1.28
N LEU C 245 -20.07 12.01 -1.54
CA LEU C 245 -21.02 11.27 -2.37
C LEU C 245 -22.34 11.04 -1.63
N GLY C 246 -22.32 11.01 -0.29
CA GLY C 246 -23.55 10.79 0.46
C GLY C 246 -23.99 9.33 0.30
N ILE C 247 -23.01 8.43 0.18
CA ILE C 247 -23.31 7.01 0.23
C ILE C 247 -22.30 6.25 1.10
N LYS C 248 -22.71 5.05 1.48
CA LYS C 248 -21.91 4.21 2.34
C LYS C 248 -21.10 3.29 1.43
N PRO C 249 -19.82 3.13 1.71
CA PRO C 249 -18.97 2.28 0.87
C PRO C 249 -19.42 0.85 0.99
N ASP C 250 -19.46 0.13 -0.13
CA ASP C 250 -19.66 -1.30 -0.13
C ASP C 250 -18.30 -1.89 -0.38
N TRP C 251 -17.66 -2.26 0.71
CA TRP C 251 -16.29 -2.69 0.72
C TRP C 251 -15.99 -3.95 -0.04
N GLU C 252 -16.98 -4.84 -0.09
CA GLU C 252 -16.89 -6.09 -0.83
C GLU C 252 -16.86 -5.81 -2.35
N LYS C 253 -17.80 -5.01 -2.83
CA LYS C 253 -17.75 -4.55 -4.23
C LYS C 253 -16.47 -3.81 -4.65
N ILE C 254 -15.96 -2.94 -3.78
CA ILE C 254 -14.76 -2.17 -4.07
C ILE C 254 -13.58 -3.09 -4.20
N LYS C 255 -13.43 -4.04 -3.27
CA LYS C 255 -12.32 -4.98 -3.33
C LYS C 255 -12.37 -5.89 -4.58
N TYR C 256 -13.58 -6.30 -4.97
CA TYR C 256 -13.82 -7.12 -6.15
C TYR C 256 -13.28 -6.44 -7.41
N TYR C 257 -13.68 -5.20 -7.62
CA TYR C 257 -13.30 -4.48 -8.83
C TYR C 257 -11.83 -4.12 -8.87
N ILE C 258 -11.25 -3.81 -7.72
CA ILE C 258 -9.81 -3.63 -7.64
C ILE C 258 -9.03 -4.90 -8.03
N LEU C 259 -9.48 -6.06 -7.58
CA LEU C 259 -8.84 -7.29 -7.88
C LEU C 259 -9.08 -7.70 -9.33
N LEU C 260 -10.28 -7.49 -9.84
CA LEU C 260 -10.57 -7.66 -11.27
C LEU C 260 -9.58 -6.88 -12.11
N ASP C 261 -9.43 -5.61 -11.78
CA ASP C 261 -8.63 -4.74 -12.62
C ASP C 261 -7.14 -5.11 -12.55
N GLU C 262 -6.68 -5.52 -11.37
CA GLU C 262 -5.31 -5.89 -11.15
C GLU C 262 -4.95 -7.29 -11.69
N LEU C 263 -5.94 -8.17 -11.83
CA LEU C 263 -5.72 -9.52 -12.34
C LEU C 263 -5.64 -9.39 -13.86
N PHE C 264 -6.71 -8.85 -14.41
CA PHE C 264 -6.86 -8.62 -15.85
C PHE C 264 -6.31 -7.26 -16.29
N GLY D 11 -15.43 -18.70 -30.93
CA GLY D 11 -16.01 -17.33 -30.84
C GLY D 11 -17.48 -17.25 -31.24
N SER D 12 -18.38 -17.44 -30.26
CA SER D 12 -19.83 -17.23 -30.45
C SER D 12 -20.53 -16.71 -29.19
N ASP D 13 -21.72 -16.14 -29.35
CA ASP D 13 -22.44 -15.42 -28.28
C ASP D 13 -23.24 -16.36 -27.36
N LEU D 14 -23.72 -17.47 -27.94
CA LEU D 14 -24.22 -18.61 -27.18
C LEU D 14 -23.15 -19.20 -26.23
N GLY D 15 -21.90 -19.26 -26.69
CA GLY D 15 -20.79 -19.77 -25.90
C GLY D 15 -20.46 -18.90 -24.69
N LYS D 16 -20.53 -17.61 -24.91
CA LYS D 16 -20.26 -16.61 -23.89
C LYS D 16 -21.25 -16.70 -22.75
N LYS D 17 -22.52 -16.90 -23.10
CA LYS D 17 -23.54 -17.08 -22.09
C LYS D 17 -23.27 -18.35 -21.32
N LEU D 18 -22.82 -19.38 -22.04
CA LEU D 18 -22.59 -20.70 -21.45
C LEU D 18 -21.43 -20.60 -20.48
N LEU D 19 -20.36 -19.97 -20.93
CA LEU D 19 -19.23 -19.71 -20.06
C LEU D 19 -19.64 -18.94 -18.78
N GLU D 20 -20.39 -17.85 -18.90
CA GLU D 20 -20.76 -17.11 -17.69
C GLU D 20 -21.63 -17.93 -16.75
N ALA D 21 -22.57 -18.69 -17.30
CA ALA D 21 -23.48 -19.51 -16.49
C ALA D 21 -22.70 -20.55 -15.73
N ALA D 22 -21.73 -21.14 -16.41
CA ALA D 22 -20.84 -22.14 -15.79
C ALA D 22 -19.98 -21.50 -14.70
N ARG D 23 -19.46 -20.32 -15.03
CA ARG D 23 -18.63 -19.55 -14.12
C ARG D 23 -19.43 -19.23 -12.85
N ALA D 24 -20.67 -18.81 -13.04
CA ALA D 24 -21.54 -18.39 -11.92
C ALA D 24 -22.18 -19.55 -11.16
N GLY D 25 -22.11 -20.77 -11.68
CA GLY D 25 -22.69 -21.92 -11.04
C GLY D 25 -24.19 -21.91 -11.20
N GLN D 26 -24.66 -21.47 -12.35
CA GLN D 26 -26.04 -21.50 -12.73
C GLN D 26 -26.33 -22.78 -13.47
N ASP D 27 -26.54 -23.86 -12.72
CA ASP D 27 -26.73 -25.18 -13.33
C ASP D 27 -27.91 -25.23 -14.27
N ASP D 28 -29.05 -24.63 -13.93
CA ASP D 28 -30.21 -24.74 -14.85
C ASP D 28 -30.02 -23.96 -16.15
N GLU D 29 -29.51 -22.76 -16.05
CA GLU D 29 -29.18 -21.97 -17.25
C GLU D 29 -28.16 -22.70 -18.16
N VAL D 30 -27.15 -23.36 -17.56
CA VAL D 30 -26.24 -24.25 -18.34
C VAL D 30 -27.04 -25.30 -19.12
N ARG D 31 -27.97 -25.97 -18.47
CA ARG D 31 -28.74 -27.01 -19.16
C ARG D 31 -29.57 -26.38 -20.25
N ILE D 32 -30.16 -25.24 -19.93
CA ILE D 32 -31.00 -24.53 -20.89
C ILE D 32 -30.20 -24.17 -22.14
N LEU D 33 -29.02 -23.56 -21.96
CA LEU D 33 -28.21 -23.08 -23.10
C LEU D 33 -27.67 -24.24 -23.90
N MET D 34 -27.31 -25.33 -23.23
CA MET D 34 -26.96 -26.59 -23.92
C MET D 34 -28.13 -27.10 -24.80
N ALA D 35 -29.33 -27.13 -24.24
CA ALA D 35 -30.49 -27.58 -25.02
C ALA D 35 -30.73 -26.67 -26.22
N ASN D 36 -30.38 -25.37 -26.07
CA ASN D 36 -30.56 -24.40 -27.14
C ASN D 36 -29.39 -24.35 -28.08
N GLY D 37 -28.52 -25.34 -27.98
CA GLY D 37 -27.49 -25.57 -28.97
C GLY D 37 -26.17 -24.89 -28.70
N ALA D 38 -25.95 -24.44 -27.46
CA ALA D 38 -24.63 -23.85 -27.11
C ALA D 38 -23.52 -24.88 -27.26
N ASP D 39 -22.35 -24.42 -27.67
CA ASP D 39 -21.20 -25.31 -27.87
C ASP D 39 -20.48 -25.60 -26.56
N VAL D 40 -20.51 -26.86 -26.15
CA VAL D 40 -20.07 -27.23 -24.82
C VAL D 40 -18.59 -26.98 -24.66
N ASN D 41 -17.90 -26.83 -25.78
CA ASN D 41 -16.46 -26.69 -25.77
C ASN D 41 -16.08 -25.26 -26.07
N ALA D 42 -17.00 -24.33 -25.85
CA ALA D 42 -16.73 -22.90 -26.04
C ALA D 42 -15.45 -22.51 -25.28
N ASN D 43 -14.64 -21.71 -25.93
CA ASN D 43 -13.49 -21.12 -25.30
C ASN D 43 -13.52 -19.73 -25.83
N ASP D 44 -13.87 -18.79 -24.98
CA ASP D 44 -13.77 -17.44 -25.42
C ASP D 44 -12.88 -16.74 -24.46
N TRP D 45 -12.29 -17.50 -23.52
CA TRP D 45 -11.51 -16.96 -22.39
C TRP D 45 -10.23 -17.75 -22.05
N PHE D 46 -9.08 -17.45 -22.66
CA PHE D 46 -7.78 -18.10 -22.27
C PHE D 46 -7.78 -19.63 -22.20
N GLY D 47 -8.57 -20.26 -23.06
CA GLY D 47 -8.69 -21.70 -23.07
C GLY D 47 -9.50 -22.28 -21.91
N ILE D 48 -10.12 -21.44 -21.08
CA ILE D 48 -11.03 -21.91 -20.03
C ILE D 48 -12.35 -22.32 -20.69
N THR D 49 -12.67 -23.61 -20.61
CA THR D 49 -13.86 -24.14 -21.17
C THR D 49 -14.93 -24.22 -20.08
N PRO D 50 -16.19 -24.42 -20.48
CA PRO D 50 -17.26 -24.59 -19.51
C PRO D 50 -17.01 -25.69 -18.47
N LEU D 51 -16.33 -26.75 -18.87
CA LEU D 51 -16.05 -27.85 -18.00
C LEU D 51 -15.09 -27.42 -16.95
N HIS D 52 -14.05 -26.65 -17.31
CA HIS D 52 -13.16 -26.13 -16.29
C HIS D 52 -13.96 -25.31 -15.30
N LEU D 53 -14.86 -24.49 -15.79
CA LEU D 53 -15.56 -23.59 -14.87
C LEU D 53 -16.47 -24.34 -13.91
N VAL D 54 -17.15 -25.38 -14.37
CA VAL D 54 -17.99 -26.14 -13.48
C VAL D 54 -17.15 -27.02 -12.58
N VAL D 55 -16.01 -27.52 -13.06
CA VAL D 55 -15.12 -28.26 -12.15
C VAL D 55 -14.67 -27.29 -11.01
N ASN D 56 -14.42 -26.02 -11.36
CA ASN D 56 -14.07 -24.97 -10.37
C ASN D 56 -15.08 -24.87 -9.23
N ASN D 57 -16.36 -24.86 -9.56
CA ASN D 57 -17.35 -24.64 -8.51
C ASN D 57 -17.74 -25.92 -7.78
N GLY D 58 -17.24 -27.04 -8.27
CA GLY D 58 -17.46 -28.33 -7.65
C GLY D 58 -18.83 -28.96 -7.82
N HIS D 59 -19.68 -28.41 -8.67
CA HIS D 59 -21.07 -28.90 -8.81
C HIS D 59 -21.10 -30.25 -9.57
N LEU D 60 -21.19 -31.37 -8.84
CA LEU D 60 -20.98 -32.69 -9.43
C LEU D 60 -21.89 -32.97 -10.60
N GLU D 61 -23.15 -32.66 -10.45
CA GLU D 61 -24.15 -33.06 -11.45
C GLU D 61 -24.02 -32.36 -12.81
N ILE D 62 -23.74 -31.04 -12.85
CA ILE D 62 -23.58 -30.38 -14.17
C ILE D 62 -22.32 -30.84 -14.86
N ILE D 63 -21.34 -31.24 -14.09
CA ILE D 63 -20.15 -31.78 -14.64
C ILE D 63 -20.46 -33.02 -15.48
N GLU D 64 -21.25 -33.93 -14.93
CA GLU D 64 -21.57 -35.17 -15.65
C GLU D 64 -22.39 -34.86 -16.87
N VAL D 65 -23.30 -33.89 -16.80
CA VAL D 65 -24.06 -33.52 -17.99
C VAL D 65 -23.17 -32.96 -19.10
N LEU D 66 -22.17 -32.14 -18.75
CA LEU D 66 -21.29 -31.61 -19.78
C LEU D 66 -20.47 -32.73 -20.39
N LEU D 67 -20.03 -33.69 -19.58
CA LEU D 67 -19.18 -34.78 -20.09
C LEU D 67 -19.91 -35.67 -21.08
N LYS D 68 -21.16 -35.97 -20.76
CA LYS D 68 -22.04 -36.74 -21.63
C LYS D 68 -22.37 -36.00 -22.91
N TYR D 69 -22.35 -34.67 -22.85
CA TYR D 69 -22.55 -33.79 -23.99
C TYR D 69 -21.24 -33.65 -24.75
N ALA D 70 -20.27 -34.51 -24.46
CA ALA D 70 -18.92 -34.49 -25.07
C ALA D 70 -18.05 -33.23 -24.83
N ALA D 71 -18.13 -32.64 -23.65
CA ALA D 71 -17.14 -31.65 -23.22
C ALA D 71 -15.79 -32.33 -23.22
N ASP D 72 -14.79 -31.68 -23.81
CA ASP D 72 -13.42 -32.22 -23.91
C ASP D 72 -12.79 -32.36 -22.51
N VAL D 73 -12.66 -33.61 -22.05
CA VAL D 73 -12.29 -33.91 -20.68
C VAL D 73 -10.81 -33.53 -20.43
N ASN D 74 -10.03 -33.42 -21.50
CA ASN D 74 -8.61 -33.10 -21.45
C ASN D 74 -8.27 -31.78 -22.12
N ALA D 75 -9.23 -30.87 -22.25
CA ALA D 75 -8.91 -29.53 -22.74
C ALA D 75 -7.94 -28.86 -21.79
N SER D 76 -6.86 -28.26 -22.31
CA SER D 76 -5.89 -27.60 -21.41
C SER D 76 -5.97 -26.15 -21.65
N ASP D 77 -6.03 -25.44 -20.56
CA ASP D 77 -6.10 -23.99 -20.59
C ASP D 77 -4.68 -23.45 -20.90
N LYS D 78 -4.46 -22.14 -20.78
CA LYS D 78 -3.17 -21.52 -21.13
C LYS D 78 -2.05 -21.83 -20.16
N SER D 79 -2.37 -21.87 -18.87
CA SER D 79 -1.51 -22.50 -17.85
C SER D 79 -1.34 -24.02 -18.00
N GLY D 80 -1.96 -24.63 -19.01
CA GLY D 80 -1.89 -26.06 -19.22
C GLY D 80 -2.58 -26.89 -18.15
N TRP D 81 -3.40 -26.24 -17.34
CA TRP D 81 -4.31 -26.96 -16.45
C TRP D 81 -5.49 -27.54 -17.23
N THR D 82 -5.64 -28.86 -17.16
CA THR D 82 -6.81 -29.55 -17.68
C THR D 82 -7.81 -29.68 -16.53
N PRO D 83 -9.03 -30.10 -16.81
CA PRO D 83 -10.05 -30.21 -15.77
C PRO D 83 -9.66 -31.10 -14.57
N LEU D 84 -8.84 -32.11 -14.80
CA LEU D 84 -8.36 -33.00 -13.72
C LEU D 84 -7.36 -32.29 -12.80
N HIS D 85 -6.47 -31.51 -13.39
CA HIS D 85 -5.56 -30.66 -12.62
C HIS D 85 -6.35 -29.81 -11.65
N LEU D 86 -7.38 -29.14 -12.15
CA LEU D 86 -8.17 -28.17 -11.35
C LEU D 86 -8.97 -28.92 -10.31
N ALA D 87 -9.37 -30.15 -10.65
CA ALA D 87 -10.19 -30.94 -9.72
C ALA D 87 -9.33 -31.38 -8.54
N ALA D 88 -8.07 -31.67 -8.84
CA ALA D 88 -7.11 -32.07 -7.82
C ALA D 88 -6.93 -30.90 -6.85
N TYR D 89 -6.54 -29.76 -7.43
CA TYR D 89 -6.37 -28.49 -6.68
C TYR D 89 -7.60 -28.08 -5.87
N ARG D 90 -8.80 -28.46 -6.30
CA ARG D 90 -10.04 -28.16 -5.58
C ARG D 90 -10.41 -29.27 -4.58
N GLY D 91 -9.78 -30.43 -4.77
CA GLY D 91 -9.74 -31.49 -3.77
C GLY D 91 -11.07 -32.14 -3.46
N HIS D 92 -11.87 -32.39 -4.50
CA HIS D 92 -13.17 -33.02 -4.32
C HIS D 92 -13.12 -34.35 -5.03
N LEU D 93 -13.26 -35.41 -4.24
CA LEU D 93 -13.08 -36.79 -4.70
C LEU D 93 -14.14 -37.14 -5.74
N GLU D 94 -15.39 -36.87 -5.41
CA GLU D 94 -16.52 -37.03 -6.31
C GLU D 94 -16.23 -36.50 -7.73
N ILE D 95 -15.53 -35.38 -7.82
CA ILE D 95 -15.27 -34.75 -9.10
C ILE D 95 -14.08 -35.33 -9.80
N VAL D 96 -13.00 -35.60 -9.08
CA VAL D 96 -11.82 -36.23 -9.69
C VAL D 96 -12.22 -37.56 -10.33
N GLU D 97 -13.18 -38.26 -9.71
CA GLU D 97 -13.59 -39.59 -10.14
C GLU D 97 -14.36 -39.54 -11.46
N VAL D 98 -15.48 -38.82 -11.51
CA VAL D 98 -16.19 -38.65 -12.79
C VAL D 98 -15.22 -38.28 -13.91
N LEU D 99 -14.36 -37.31 -13.70
CA LEU D 99 -13.40 -36.96 -14.77
C LEU D 99 -12.56 -38.14 -15.24
N LEU D 100 -12.07 -38.92 -14.29
CA LEU D 100 -11.26 -40.11 -14.64
C LEU D 100 -12.05 -41.16 -15.40
N LYS D 101 -13.30 -41.33 -15.00
CA LYS D 101 -14.21 -42.30 -15.59
C LYS D 101 -14.59 -41.90 -17.02
N TYR D 102 -14.42 -40.61 -17.36
CA TYR D 102 -14.74 -40.15 -18.69
C TYR D 102 -13.52 -39.98 -19.55
N GLY D 103 -12.39 -40.46 -19.05
CA GLY D 103 -11.16 -40.52 -19.82
C GLY D 103 -10.12 -39.45 -19.56
N ALA D 104 -10.14 -38.87 -18.36
CA ALA D 104 -9.22 -37.80 -18.05
C ALA D 104 -7.80 -38.37 -18.12
N ASP D 105 -6.89 -37.60 -18.73
CA ASP D 105 -5.51 -38.00 -18.87
C ASP D 105 -4.82 -37.81 -17.53
N VAL D 106 -4.48 -38.92 -16.91
CA VAL D 106 -3.95 -38.95 -15.54
C VAL D 106 -2.52 -38.39 -15.44
N ASN D 107 -1.83 -38.29 -16.59
CA ASN D 107 -0.45 -37.80 -16.67
C ASN D 107 -0.26 -36.64 -17.67
N ALA D 108 -1.25 -35.74 -17.78
CA ALA D 108 -1.06 -34.52 -18.57
C ALA D 108 -0.08 -33.59 -17.87
N MET D 109 0.70 -32.86 -18.65
CA MET D 109 1.58 -31.92 -18.01
C MET D 109 1.23 -30.48 -18.32
N ASP D 110 1.11 -29.70 -17.25
CA ASP D 110 0.95 -28.28 -17.34
C ASP D 110 2.35 -27.66 -17.50
N TYR D 111 2.42 -26.34 -17.64
CA TYR D 111 3.65 -25.69 -18.14
C TYR D 111 4.69 -25.46 -17.06
N GLN D 112 4.32 -25.75 -15.82
CA GLN D 112 5.25 -25.90 -14.71
C GLN D 112 5.59 -27.40 -14.54
N GLY D 113 5.60 -28.13 -15.66
CA GLY D 113 5.78 -29.58 -15.67
C GLY D 113 4.78 -30.49 -14.98
N TYR D 114 3.84 -29.93 -14.20
CA TYR D 114 3.07 -30.72 -13.24
C TYR D 114 1.91 -31.54 -13.77
N THR D 115 1.51 -32.45 -12.89
CA THR D 115 0.45 -33.40 -13.11
C THR D 115 -0.51 -33.23 -11.93
N PRO D 116 -1.72 -33.78 -12.05
CA PRO D 116 -2.70 -33.72 -10.96
C PRO D 116 -2.22 -34.42 -9.72
N LEU D 117 -1.34 -35.40 -9.89
CA LEU D 117 -0.74 -36.12 -8.77
C LEU D 117 0.17 -35.15 -7.99
N HIS D 118 1.06 -34.45 -8.70
CA HIS D 118 1.84 -33.37 -8.09
C HIS D 118 0.93 -32.50 -7.19
N LEU D 119 -0.22 -32.09 -7.70
CA LEU D 119 -1.05 -31.05 -7.10
C LEU D 119 -1.87 -31.55 -5.92
N ALA D 120 -2.22 -32.82 -5.91
CA ALA D 120 -2.97 -33.41 -4.80
C ALA D 120 -2.03 -33.53 -3.60
N ALA D 121 -0.73 -33.58 -3.92
CA ALA D 121 0.34 -33.57 -2.92
C ALA D 121 0.67 -32.15 -2.47
N GLU D 122 0.85 -31.25 -3.43
CA GLU D 122 1.26 -29.87 -3.16
C GLU D 122 0.30 -29.25 -2.15
N ASP D 123 -0.94 -29.72 -2.15
CA ASP D 123 -1.97 -29.29 -1.20
C ASP D 123 -2.18 -30.34 -0.11
N GLY D 124 -1.80 -31.59 -0.39
CA GLY D 124 -1.87 -32.66 0.59
C GLY D 124 -3.29 -33.17 0.67
N HIS D 125 -3.60 -34.19 -0.14
CA HIS D 125 -4.95 -34.68 -0.36
C HIS D 125 -4.88 -36.21 -0.50
N LEU D 126 -5.56 -36.93 0.40
CA LEU D 126 -5.35 -38.38 0.56
C LEU D 126 -6.21 -39.26 -0.38
N GLU D 127 -7.51 -39.37 -0.10
CA GLU D 127 -8.45 -40.10 -0.97
C GLU D 127 -8.18 -39.88 -2.46
N ILE D 128 -7.75 -38.67 -2.81
CA ILE D 128 -7.55 -38.27 -4.20
C ILE D 128 -6.23 -38.78 -4.78
N VAL D 129 -5.15 -38.72 -4.02
CA VAL D 129 -3.91 -39.33 -4.48
C VAL D 129 -4.13 -40.82 -4.79
N GLU D 130 -4.96 -41.50 -4.00
CA GLU D 130 -5.20 -42.94 -4.16
C GLU D 130 -5.83 -43.20 -5.53
N VAL D 131 -7.04 -42.67 -5.69
CA VAL D 131 -7.84 -42.85 -6.89
C VAL D 131 -7.03 -42.44 -8.09
N LEU D 132 -6.21 -41.42 -7.91
CA LEU D 132 -5.30 -40.99 -8.96
C LEU D 132 -4.40 -42.12 -9.34
N LEU D 133 -3.74 -42.73 -8.35
CA LEU D 133 -2.79 -43.83 -8.55
C LEU D 133 -3.45 -45.05 -9.20
N LYS D 134 -4.61 -45.45 -8.68
CA LYS D 134 -5.48 -46.43 -9.36
C LYS D 134 -5.52 -46.28 -10.89
N TYR D 135 -5.58 -45.04 -11.41
CA TYR D 135 -5.65 -44.82 -12.88
C TYR D 135 -4.31 -44.68 -13.62
N GLY D 136 -3.23 -45.01 -12.93
CA GLY D 136 -1.96 -45.28 -13.58
C GLY D 136 -1.16 -44.03 -13.82
N ALA D 137 -0.88 -43.33 -12.74
CA ALA D 137 -0.12 -42.09 -12.80
C ALA D 137 1.31 -42.41 -12.42
N ASP D 138 2.19 -42.31 -13.40
CA ASP D 138 3.64 -42.40 -13.23
C ASP D 138 4.16 -41.54 -12.07
N VAL D 139 4.65 -42.17 -11.00
CA VAL D 139 4.99 -41.42 -9.78
C VAL D 139 6.38 -40.80 -9.86
N ASN D 140 7.26 -41.39 -10.66
CA ASN D 140 8.63 -40.91 -10.76
C ASN D 140 8.84 -39.72 -11.72
N ALA D 141 7.83 -39.38 -12.54
CA ALA D 141 7.97 -38.30 -13.53
C ALA D 141 7.98 -36.94 -12.83
N GLN D 142 8.76 -36.02 -13.40
CA GLN D 142 9.18 -34.80 -12.72
C GLN D 142 8.89 -33.53 -13.54
N ASP D 143 8.75 -32.41 -12.84
CA ASP D 143 8.35 -31.14 -13.48
C ASP D 143 9.34 -30.63 -14.56
N LYS D 144 9.27 -29.34 -14.90
CA LYS D 144 10.29 -28.69 -15.72
C LYS D 144 11.66 -28.76 -15.02
N PHE D 145 11.63 -28.66 -13.69
CA PHE D 145 12.83 -28.69 -12.86
C PHE D 145 13.26 -30.16 -12.67
N GLY D 146 12.94 -30.79 -11.53
CA GLY D 146 13.21 -32.21 -11.41
C GLY D 146 12.68 -32.92 -10.19
N LYS D 147 11.42 -32.65 -9.85
CA LYS D 147 10.82 -33.21 -8.63
C LYS D 147 9.68 -34.17 -9.00
N THR D 148 9.81 -35.42 -8.55
CA THR D 148 8.91 -36.50 -8.95
C THR D 148 7.47 -36.30 -8.46
N ALA D 149 7.28 -36.33 -7.15
CA ALA D 149 5.96 -36.33 -6.50
C ALA D 149 6.21 -36.58 -5.03
N PHE D 150 7.05 -37.59 -4.76
CA PHE D 150 7.65 -37.77 -3.45
C PHE D 150 8.66 -36.66 -3.15
N ASP D 151 9.33 -36.16 -4.20
CA ASP D 151 10.28 -35.04 -4.05
C ASP D 151 9.58 -33.80 -3.47
N ILE D 152 8.25 -33.79 -3.49
CA ILE D 152 7.44 -32.89 -2.67
C ILE D 152 6.34 -33.69 -1.97
N SER D 153 6.75 -34.49 -0.98
CA SER D 153 5.82 -35.26 -0.15
C SER D 153 5.79 -34.63 1.25
N ILE D 154 6.78 -34.97 2.08
CA ILE D 154 6.95 -34.36 3.40
C ILE D 154 7.68 -33.03 3.25
N ASP D 155 8.29 -32.85 2.08
CA ASP D 155 8.96 -31.59 1.70
C ASP D 155 7.92 -30.48 1.42
N ASN D 156 6.66 -30.81 1.71
CA ASN D 156 5.59 -29.83 1.84
C ASN D 156 4.42 -30.33 2.74
N GLY D 157 4.50 -31.56 3.26
CA GLY D 157 3.43 -32.10 4.09
C GLY D 157 3.30 -33.62 4.20
N ASN D 158 3.80 -34.15 5.31
CA ASN D 158 3.32 -35.41 5.91
C ASN D 158 3.56 -36.77 5.22
N GLU D 159 3.27 -37.82 5.97
CA GLU D 159 3.40 -39.23 5.54
C GLU D 159 2.24 -39.69 4.66
N ASP D 160 1.09 -39.03 4.79
CA ASP D 160 -0.12 -39.38 4.02
C ASP D 160 0.22 -39.82 2.59
N LEU D 161 1.15 -39.08 1.99
CA LEU D 161 1.69 -39.37 0.68
C LEU D 161 3.14 -39.82 0.87
N ALA D 162 3.28 -41.01 1.46
CA ALA D 162 4.57 -41.61 1.76
C ALA D 162 4.30 -43.09 1.97
N GLU D 163 3.43 -43.40 2.91
CA GLU D 163 2.84 -44.73 3.00
C GLU D 163 2.38 -45.20 1.61
N ILE D 164 1.70 -44.31 0.88
CA ILE D 164 1.23 -44.57 -0.48
C ILE D 164 2.24 -44.04 -1.52
N LEU D 165 2.67 -42.79 -1.36
CA LEU D 165 3.59 -42.19 -2.33
C LEU D 165 5.01 -42.72 -2.11
N GLN D 166 5.72 -42.97 -3.21
CA GLN D 166 7.04 -43.60 -3.15
C GLN D 166 8.07 -42.74 -3.88
N LYS D 167 7.88 -42.31 -5.02
PB ADP E . 15.36 23.78 20.11
O1B ADP E . 15.91 23.08 21.40
O2B ADP E . 16.39 23.52 19.00
O3B ADP E . 14.04 23.26 19.66
PA ADP E . 14.93 26.23 21.62
O1A ADP E . 13.60 26.85 21.49
O2A ADP E . 14.94 25.43 22.94
O3A ADP E . 15.29 25.40 20.29
O5' ADP E . 16.08 27.32 21.66
C5' ADP E . 17.37 26.93 22.06
C4' ADP E . 17.96 27.91 23.04
O4' ADP E . 17.74 29.27 22.70
C3' ADP E . 17.37 27.70 24.42
O3' ADP E . 17.90 26.56 25.08
C2' ADP E . 17.63 29.03 25.04
O2' ADP E . 18.95 29.09 25.50
C1' ADP E . 17.44 30.03 23.89
N9 ADP E . 16.02 30.54 23.85
C8 ADP E . 15.05 30.18 22.94
N7 ADP E . 13.90 30.88 23.17
C5 ADP E . 14.11 31.66 24.25
C6 ADP E . 13.27 32.54 24.94
N6 ADP E . 12.04 32.86 24.48
N1 ADP E . 13.77 33.22 26.01
C2 ADP E . 15.10 33.02 26.42
N3 ADP E . 15.92 32.12 25.76
C4 ADP E . 15.45 31.46 24.68
MG MG F . 14.83 23.51 23.58
MG MG G . 12.80 21.40 19.49
PB ADP H . -3.00 7.27 -22.54
O1B ADP H . -4.15 6.51 -23.25
O2B ADP H . -3.33 7.45 -21.02
O3B ADP H . -1.76 6.46 -22.63
PA ADP H . -3.54 10.06 -23.01
O1A ADP H . -4.76 10.09 -23.86
O2A ADP H . -4.07 10.16 -21.58
O3A ADP H . -2.67 8.72 -23.26
O5' ADP H . -2.57 11.29 -23.35
C5' ADP H . -1.32 11.52 -22.76
C4' ADP H . -1.28 12.92 -22.14
O4' ADP H . -1.35 13.92 -23.15
C3' ADP H . -2.43 13.19 -21.16
O3' ADP H . -2.24 12.73 -19.84
C2' ADP H . -2.57 14.69 -21.27
O2' ADP H . -1.61 15.43 -20.55
C1' ADP H . -2.27 14.94 -22.75
N9 ADP H . -3.50 14.98 -23.58
C8 ADP H . -4.00 13.97 -24.37
N7 ADP H . -5.12 14.41 -24.99
C5 ADP H . -5.30 15.70 -24.63
C6 ADP H . -6.27 16.62 -24.95
N6 ADP H . -7.25 16.37 -25.88
N1 ADP H . -6.15 17.86 -24.38
C2 ADP H . -5.15 18.22 -23.49
N3 ADP H . -4.23 17.27 -23.18
C4 ADP H . -4.29 16.06 -23.75
MG MG I . -5.00 9.24 -20.23
MG MG J . -3.45 5.28 -20.13
#